data_2EMZ
#
_entry.id   2EMZ
#
loop_
_entity.id
_entity.type
_entity.pdbx_description
1 polymer 'Zinc finger protein 95 homolog'
2 non-polymer 'ZINC ION'
#
_entity_poly.entity_id   1
_entity_poly.type   'polypeptide(L)'
_entity_poly.pdbx_seq_one_letter_code
;GSSGSSGSGERPFKCNECGKGFGRRSHLAGHLRLHSREKSSGPSSG
;
_entity_poly.pdbx_strand_id   A
#
# COMPACT_ATOMS: atom_id res chain seq x y z
N GLY A 1 5.09 4.51 -4.56
CA GLY A 1 5.69 4.10 -5.81
C GLY A 1 6.43 5.22 -6.50
N SER A 2 7.48 4.86 -7.24
CA SER A 2 8.29 5.86 -7.95
C SER A 2 7.81 6.02 -9.38
N SER A 3 7.75 4.91 -10.11
CA SER A 3 7.31 4.93 -11.51
C SER A 3 7.18 3.51 -12.05
N GLY A 4 5.97 3.16 -12.49
CA GLY A 4 5.73 1.84 -13.03
C GLY A 4 5.26 1.87 -14.47
N SER A 5 4.46 0.89 -14.85
CA SER A 5 3.94 0.81 -16.21
C SER A 5 2.63 1.58 -16.35
N SER A 6 1.64 1.19 -15.55
CA SER A 6 0.33 1.83 -15.58
C SER A 6 0.47 3.34 -15.39
N GLY A 7 -0.30 4.10 -16.17
CA GLY A 7 -0.25 5.55 -16.07
C GLY A 7 -1.63 6.17 -16.07
N SER A 8 -2.51 5.66 -16.93
CA SER A 8 -3.87 6.19 -17.03
C SER A 8 -4.89 5.10 -16.70
N GLY A 9 -4.58 4.30 -15.68
CA GLY A 9 -5.48 3.24 -15.27
C GLY A 9 -5.88 3.34 -13.81
N GLU A 10 -7.07 3.87 -13.55
CA GLU A 10 -7.55 4.03 -12.18
C GLU A 10 -8.08 2.71 -11.65
N ARG A 11 -7.64 2.33 -10.46
CA ARG A 11 -8.07 1.08 -9.83
C ARG A 11 -9.16 1.34 -8.79
N PRO A 12 -9.95 0.31 -8.50
CA PRO A 12 -11.05 0.41 -7.52
C PRO A 12 -10.52 0.53 -6.09
N PHE A 13 -9.33 0.02 -5.85
CA PHE A 13 -8.72 0.08 -4.53
C PHE A 13 -7.37 0.79 -4.58
N LYS A 14 -6.91 1.26 -3.42
CA LYS A 14 -5.64 1.97 -3.33
C LYS A 14 -5.04 1.84 -1.94
N CYS A 15 -3.72 1.76 -1.85
CA CYS A 15 -3.02 1.64 -0.58
C CYS A 15 -2.68 3.01 -0.02
N ASN A 16 -3.02 3.23 1.24
CA ASN A 16 -2.74 4.51 1.90
C ASN A 16 -1.31 4.54 2.44
N GLU A 17 -0.71 3.36 2.60
CA GLU A 17 0.65 3.25 3.10
C GLU A 17 1.65 3.85 2.11
N CYS A 18 1.66 3.30 0.89
CA CYS A 18 2.56 3.79 -0.14
C CYS A 18 1.79 4.38 -1.32
N GLY A 19 0.76 3.65 -1.76
CA GLY A 19 -0.06 4.11 -2.87
C GLY A 19 -0.30 3.02 -3.89
N LYS A 20 -0.01 1.78 -3.52
CA LYS A 20 -0.21 0.65 -4.42
C LYS A 20 -1.69 0.40 -4.67
N GLY A 21 -2.03 0.12 -5.93
CA GLY A 21 -3.42 -0.13 -6.28
C GLY A 21 -3.64 -1.52 -6.82
N PHE A 22 -4.83 -2.07 -6.59
CA PHE A 22 -5.17 -3.41 -7.06
C PHE A 22 -6.59 -3.45 -7.60
N GLY A 23 -6.89 -4.49 -8.38
CA GLY A 23 -8.21 -4.63 -8.96
C GLY A 23 -9.24 -5.09 -7.93
N ARG A 24 -8.93 -6.16 -7.21
CA ARG A 24 -9.82 -6.70 -6.20
C ARG A 24 -9.40 -6.25 -4.80
N ARG A 25 -10.28 -6.49 -3.84
CA ARG A 25 -10.00 -6.11 -2.45
C ARG A 25 -8.93 -7.01 -1.84
N SER A 26 -9.26 -8.29 -1.69
CA SER A 26 -8.33 -9.26 -1.12
C SER A 26 -6.95 -9.12 -1.75
N HIS A 27 -6.92 -8.73 -3.02
CA HIS A 27 -5.67 -8.56 -3.75
C HIS A 27 -4.81 -7.48 -3.10
N LEU A 28 -5.47 -6.43 -2.60
CA LEU A 28 -4.76 -5.33 -1.96
C LEU A 28 -4.52 -5.62 -0.48
N ALA A 29 -5.57 -6.05 0.21
CA ALA A 29 -5.47 -6.38 1.63
C ALA A 29 -4.12 -7.02 1.95
N GLY A 30 -3.69 -7.94 1.10
CA GLY A 30 -2.43 -8.62 1.32
C GLY A 30 -1.24 -7.69 1.15
N HIS A 31 -1.34 -6.77 0.21
CA HIS A 31 -0.27 -5.81 -0.05
C HIS A 31 0.08 -5.03 1.21
N LEU A 32 -0.84 -5.03 2.16
CA LEU A 32 -0.63 -4.32 3.43
C LEU A 32 -0.02 -5.25 4.48
N ARG A 33 -0.19 -6.55 4.29
CA ARG A 33 0.36 -7.54 5.21
C ARG A 33 1.87 -7.43 5.31
N LEU A 34 2.49 -6.96 4.23
CA LEU A 34 3.94 -6.79 4.20
C LEU A 34 4.36 -5.47 4.84
N HIS A 35 3.42 -4.54 4.92
CA HIS A 35 3.70 -3.24 5.51
C HIS A 35 3.83 -3.35 7.03
N SER A 36 3.60 -4.55 7.55
CA SER A 36 3.68 -4.78 8.99
C SER A 36 4.92 -5.59 9.33
N ARG A 37 5.09 -6.73 8.66
CA ARG A 37 6.23 -7.59 8.90
C ARG A 37 7.53 -6.80 8.90
N GLU A 38 7.73 -5.97 7.87
CA GLU A 38 8.92 -5.16 7.76
C GLU A 38 8.63 -3.71 8.13
N LYS A 39 7.86 -3.52 9.20
CA LYS A 39 7.50 -2.18 9.66
C LYS A 39 8.54 -1.64 10.63
N SER A 40 9.02 -2.51 11.51
CA SER A 40 10.01 -2.12 12.51
C SER A 40 11.39 -1.99 11.87
N SER A 41 11.66 -0.83 11.28
CA SER A 41 12.93 -0.58 10.63
C SER A 41 13.87 0.21 11.54
N GLY A 42 15.14 0.24 11.19
CA GLY A 42 16.11 0.96 11.99
C GLY A 42 17.24 0.07 12.49
N PRO A 43 18.26 -0.12 11.65
CA PRO A 43 19.41 -0.96 11.99
C PRO A 43 20.29 -0.33 13.06
N SER A 44 20.58 0.96 12.90
CA SER A 44 21.42 1.68 13.85
C SER A 44 21.17 3.19 13.75
N SER A 45 21.57 3.91 14.80
CA SER A 45 21.38 5.36 14.83
C SER A 45 22.66 6.08 14.40
N GLY A 46 23.29 5.57 13.35
CA GLY A 46 24.52 6.17 12.86
C GLY A 46 25.61 6.22 13.91
N GLY A 1 2.67 22.41 -8.96
CA GLY A 1 1.82 22.02 -7.87
C GLY A 1 2.40 20.88 -7.05
N SER A 2 3.12 21.21 -5.99
CA SER A 2 3.73 20.20 -5.13
C SER A 2 2.80 19.82 -3.99
N SER A 3 1.54 19.55 -4.32
CA SER A 3 0.54 19.17 -3.33
C SER A 3 0.25 17.67 -3.40
N GLY A 4 0.52 17.08 -4.57
CA GLY A 4 0.27 15.67 -4.74
C GLY A 4 -0.75 15.38 -5.82
N SER A 5 -0.63 16.07 -6.94
CA SER A 5 -1.57 15.90 -8.05
C SER A 5 -1.04 14.87 -9.04
N SER A 6 -1.29 13.60 -8.77
CA SER A 6 -0.84 12.51 -9.63
C SER A 6 -1.38 11.18 -9.14
N GLY A 7 -1.33 10.17 -10.02
CA GLY A 7 -1.81 8.85 -9.66
C GLY A 7 -0.96 7.75 -10.24
N SER A 8 -1.02 6.57 -9.62
CA SER A 8 -0.23 5.43 -10.08
C SER A 8 -1.15 4.28 -10.49
N GLY A 9 -2.21 4.60 -11.20
CA GLY A 9 -3.16 3.59 -11.64
C GLY A 9 -4.59 3.96 -11.36
N GLU A 10 -5.49 3.59 -12.27
CA GLU A 10 -6.91 3.88 -12.12
C GLU A 10 -7.66 2.69 -11.51
N ARG A 11 -7.02 2.03 -10.55
CA ARG A 11 -7.63 0.87 -9.89
C ARG A 11 -8.70 1.31 -8.91
N PRO A 12 -9.65 0.40 -8.62
CA PRO A 12 -10.75 0.66 -7.69
C PRO A 12 -10.29 0.79 -6.25
N PHE A 13 -9.19 0.11 -5.93
CA PHE A 13 -8.65 0.15 -4.58
C PHE A 13 -7.27 0.80 -4.56
N LYS A 14 -6.83 1.23 -3.38
CA LYS A 14 -5.54 1.87 -3.24
C LYS A 14 -4.98 1.67 -1.83
N CYS A 15 -3.65 1.71 -1.71
CA CYS A 15 -3.00 1.53 -0.42
C CYS A 15 -2.74 2.86 0.25
N ASN A 16 -3.21 3.02 1.48
CA ASN A 16 -3.02 4.26 2.23
C ASN A 16 -1.67 4.26 2.94
N GLU A 17 -0.70 3.54 2.37
CA GLU A 17 0.63 3.46 2.94
C GLU A 17 1.67 3.99 1.96
N CYS A 18 1.72 3.40 0.78
CA CYS A 18 2.67 3.81 -0.24
C CYS A 18 1.95 4.44 -1.44
N GLY A 19 0.86 3.80 -1.86
CA GLY A 19 0.11 4.31 -3.00
C GLY A 19 -0.16 3.25 -4.03
N LYS A 20 -0.09 1.98 -3.62
CA LYS A 20 -0.33 0.86 -4.53
C LYS A 20 -1.81 0.75 -4.88
N GLY A 21 -2.11 0.08 -5.98
CA GLY A 21 -3.48 -0.09 -6.40
C GLY A 21 -3.76 -1.48 -6.94
N PHE A 22 -4.93 -2.02 -6.60
CA PHE A 22 -5.31 -3.35 -7.06
C PHE A 22 -6.77 -3.37 -7.50
N GLY A 23 -7.15 -4.45 -8.19
CA GLY A 23 -8.52 -4.57 -8.67
C GLY A 23 -9.45 -5.15 -7.61
N ARG A 24 -9.02 -6.25 -6.99
CA ARG A 24 -9.82 -6.91 -5.97
C ARG A 24 -9.38 -6.47 -4.57
N ARG A 25 -10.32 -6.46 -3.63
CA ARG A 25 -10.03 -6.06 -2.27
C ARG A 25 -8.95 -6.96 -1.65
N SER A 26 -9.24 -8.25 -1.59
CA SER A 26 -8.30 -9.21 -1.03
C SER A 26 -6.92 -9.08 -1.69
N HIS A 27 -6.93 -8.77 -2.98
CA HIS A 27 -5.68 -8.61 -3.72
C HIS A 27 -4.81 -7.51 -3.11
N LEU A 28 -5.46 -6.46 -2.60
CA LEU A 28 -4.74 -5.34 -1.99
C LEU A 28 -4.47 -5.63 -0.52
N ALA A 29 -5.47 -6.11 0.19
CA ALA A 29 -5.33 -6.42 1.61
C ALA A 29 -3.98 -7.06 1.90
N GLY A 30 -3.57 -7.98 1.03
CA GLY A 30 -2.30 -8.66 1.21
C GLY A 30 -1.11 -7.72 1.03
N HIS A 31 -1.26 -6.75 0.13
CA HIS A 31 -0.20 -5.79 -0.13
C HIS A 31 0.17 -5.03 1.14
N LEU A 32 -0.73 -5.06 2.12
CA LEU A 32 -0.49 -4.36 3.39
C LEU A 32 0.15 -5.30 4.40
N ARG A 33 -0.18 -6.58 4.31
CA ARG A 33 0.36 -7.58 5.23
C ARG A 33 1.87 -7.45 5.34
N LEU A 34 2.51 -7.07 4.24
CA LEU A 34 3.96 -6.90 4.22
C LEU A 34 4.38 -5.62 4.92
N HIS A 35 3.54 -4.59 4.83
CA HIS A 35 3.82 -3.31 5.46
C HIS A 35 3.95 -3.48 6.97
N SER A 36 3.21 -4.42 7.53
CA SER A 36 3.25 -4.67 8.97
C SER A 36 4.40 -5.61 9.32
N ARG A 37 5.54 -5.40 8.67
CA ARG A 37 6.72 -6.23 8.92
C ARG A 37 7.86 -5.38 9.49
N GLU A 38 8.02 -4.18 8.95
CA GLU A 38 9.08 -3.29 9.41
C GLU A 38 8.49 -2.05 10.07
N LYS A 39 7.87 -2.25 11.23
CA LYS A 39 7.26 -1.16 11.98
C LYS A 39 8.04 -0.88 13.27
N SER A 40 8.46 0.37 13.43
CA SER A 40 9.21 0.76 14.61
C SER A 40 8.38 0.58 15.88
N SER A 41 9.05 0.67 17.03
CA SER A 41 8.37 0.50 18.32
C SER A 41 8.35 1.82 19.09
N GLY A 42 7.41 2.69 18.74
CA GLY A 42 7.30 3.97 19.40
C GLY A 42 7.24 5.14 18.43
N PRO A 43 8.41 5.73 18.13
CA PRO A 43 8.51 6.86 17.21
C PRO A 43 8.24 6.46 15.77
N SER A 44 6.97 6.50 15.37
CA SER A 44 6.59 6.14 14.02
C SER A 44 6.41 7.38 13.15
N SER A 45 5.46 8.23 13.53
CA SER A 45 5.18 9.45 12.78
C SER A 45 5.72 10.67 13.53
N GLY A 46 6.59 11.42 12.86
CA GLY A 46 7.17 12.61 13.48
C GLY A 46 6.14 13.44 14.21
N GLY A 1 1.27 11.73 -10.92
CA GLY A 1 2.20 11.92 -12.02
C GLY A 1 1.73 12.98 -13.00
N SER A 2 2.64 13.48 -13.81
CA SER A 2 2.33 14.51 -14.79
C SER A 2 1.93 13.88 -16.13
N SER A 3 1.41 14.71 -17.03
CA SER A 3 0.97 14.24 -18.34
C SER A 3 1.97 13.24 -18.91
N GLY A 4 1.47 12.09 -19.36
CA GLY A 4 2.33 11.07 -19.93
C GLY A 4 1.80 9.67 -19.70
N SER A 5 2.51 8.90 -18.86
CA SER A 5 2.11 7.53 -18.57
C SER A 5 0.87 7.52 -17.68
N SER A 6 -0.30 7.61 -18.29
CA SER A 6 -1.56 7.61 -17.56
C SER A 6 -2.33 6.31 -17.80
N GLY A 7 -3.34 6.08 -16.98
CA GLY A 7 -4.15 4.88 -17.12
C GLY A 7 -5.58 5.18 -17.52
N SER A 8 -6.37 4.13 -17.73
CA SER A 8 -7.77 4.28 -18.12
C SER A 8 -8.70 3.70 -17.06
N GLY A 9 -8.98 4.49 -16.02
CA GLY A 9 -9.85 4.03 -14.97
C GLY A 9 -9.09 3.73 -13.68
N GLU A 10 -9.25 4.59 -12.69
CA GLU A 10 -8.58 4.42 -11.41
C GLU A 10 -9.03 3.13 -10.72
N ARG A 11 -8.08 2.38 -10.19
CA ARG A 11 -8.37 1.12 -9.50
C ARG A 11 -9.42 1.33 -8.41
N PRO A 12 -10.15 0.26 -8.08
CA PRO A 12 -11.19 0.30 -7.05
C PRO A 12 -10.62 0.46 -5.65
N PHE A 13 -9.36 0.04 -5.48
CA PHE A 13 -8.69 0.13 -4.18
C PHE A 13 -7.29 0.69 -4.34
N LYS A 14 -6.72 1.16 -3.23
CA LYS A 14 -5.38 1.74 -3.25
C LYS A 14 -4.73 1.62 -1.87
N CYS A 15 -3.41 1.79 -1.83
CA CYS A 15 -2.66 1.70 -0.57
C CYS A 15 -2.26 3.10 -0.10
N ASN A 16 -2.62 3.41 1.15
CA ASN A 16 -2.30 4.70 1.73
C ASN A 16 -0.85 4.74 2.21
N GLU A 17 -0.23 3.56 2.33
CA GLU A 17 1.15 3.46 2.78
C GLU A 17 2.10 3.97 1.71
N CYS A 18 2.04 3.38 0.53
CA CYS A 18 2.90 3.77 -0.58
C CYS A 18 2.07 4.36 -1.73
N GLY A 19 1.00 3.67 -2.09
CA GLY A 19 0.15 4.13 -3.17
C GLY A 19 -0.13 3.05 -4.19
N LYS A 20 0.12 1.80 -3.81
CA LYS A 20 -0.12 0.67 -4.70
C LYS A 20 -1.62 0.38 -4.84
N GLY A 21 -2.08 0.27 -6.08
CA GLY A 21 -3.48 -0.01 -6.33
C GLY A 21 -3.70 -1.35 -6.98
N PHE A 22 -4.76 -2.05 -6.55
CA PHE A 22 -5.07 -3.36 -7.10
C PHE A 22 -6.49 -3.40 -7.65
N GLY A 23 -6.85 -4.51 -8.29
CA GLY A 23 -8.19 -4.64 -8.85
C GLY A 23 -9.19 -5.17 -7.85
N ARG A 24 -8.82 -6.24 -7.15
CA ARG A 24 -9.69 -6.85 -6.16
C ARG A 24 -9.30 -6.41 -4.74
N ARG A 25 -10.26 -6.47 -3.83
CA ARG A 25 -10.02 -6.08 -2.45
C ARG A 25 -8.98 -6.98 -1.79
N SER A 26 -9.31 -8.27 -1.69
CA SER A 26 -8.41 -9.24 -1.07
C SER A 26 -7.03 -9.16 -1.71
N HIS A 27 -6.97 -8.79 -2.98
CA HIS A 27 -5.71 -8.67 -3.70
C HIS A 27 -4.83 -7.59 -3.08
N LEU A 28 -5.45 -6.51 -2.63
CA LEU A 28 -4.72 -5.41 -2.01
C LEU A 28 -4.47 -5.69 -0.53
N ALA A 29 -5.51 -6.12 0.17
CA ALA A 29 -5.41 -6.43 1.58
C ALA A 29 -4.08 -7.07 1.91
N GLY A 30 -3.64 -7.99 1.05
CA GLY A 30 -2.37 -8.67 1.27
C GLY A 30 -1.17 -7.74 1.10
N HIS A 31 -1.28 -6.81 0.16
CA HIS A 31 -0.21 -5.85 -0.10
C HIS A 31 0.13 -5.06 1.15
N LEU A 32 -0.81 -5.01 2.09
CA LEU A 32 -0.61 -4.28 3.33
C LEU A 32 -0.05 -5.20 4.42
N ARG A 33 -0.33 -6.49 4.30
CA ARG A 33 0.14 -7.47 5.27
C ARG A 33 1.67 -7.45 5.35
N LEU A 34 2.31 -7.15 4.23
CA LEU A 34 3.77 -7.10 4.17
C LEU A 34 4.30 -5.81 4.80
N HIS A 35 3.51 -4.75 4.69
CA HIS A 35 3.90 -3.45 5.25
C HIS A 35 4.09 -3.55 6.75
N SER A 36 3.34 -4.44 7.39
CA SER A 36 3.43 -4.62 8.84
C SER A 36 4.78 -5.23 9.22
N ARG A 37 5.35 -6.00 8.30
CA ARG A 37 6.64 -6.65 8.55
C ARG A 37 7.72 -5.61 8.86
N GLU A 38 7.58 -4.42 8.28
CA GLU A 38 8.54 -3.34 8.49
C GLU A 38 8.02 -2.35 9.52
N LYS A 39 7.46 -2.86 10.61
CA LYS A 39 6.92 -2.02 11.67
C LYS A 39 7.77 -2.12 12.93
N SER A 40 7.66 -1.13 13.80
CA SER A 40 8.41 -1.11 15.05
C SER A 40 7.47 -1.09 16.26
N SER A 41 7.76 -1.94 17.24
CA SER A 41 6.95 -2.03 18.43
C SER A 41 7.69 -1.45 19.64
N GLY A 42 7.13 -0.38 20.21
CA GLY A 42 7.75 0.26 21.36
C GLY A 42 6.77 0.47 22.49
N PRO A 43 7.25 0.28 23.73
CA PRO A 43 6.43 0.45 24.94
C PRO A 43 6.07 1.92 25.19
N SER A 44 5.40 2.17 26.32
CA SER A 44 4.99 3.52 26.67
C SER A 44 6.17 4.50 26.53
N SER A 45 5.96 5.53 25.71
CA SER A 45 7.00 6.53 25.47
C SER A 45 6.40 7.93 25.53
N GLY A 46 7.29 8.93 25.59
CA GLY A 46 6.84 10.31 25.64
C GLY A 46 6.33 10.81 24.30
N GLY A 1 3.95 17.06 -17.34
CA GLY A 1 2.92 16.11 -17.72
C GLY A 1 2.03 15.72 -16.57
N SER A 2 0.97 16.49 -16.35
CA SER A 2 0.03 16.22 -15.26
C SER A 2 -1.30 16.92 -15.51
N SER A 3 -2.25 16.67 -14.62
CA SER A 3 -3.59 17.27 -14.75
C SER A 3 -4.20 16.94 -16.10
N GLY A 4 -4.04 15.70 -16.54
CA GLY A 4 -4.60 15.27 -17.81
C GLY A 4 -5.40 14.00 -17.71
N SER A 5 -5.97 13.56 -18.83
CA SER A 5 -6.77 12.35 -18.85
C SER A 5 -6.11 11.27 -19.71
N SER A 6 -5.16 10.56 -19.13
CA SER A 6 -4.45 9.50 -19.84
C SER A 6 -4.80 8.13 -19.27
N GLY A 7 -5.91 7.57 -19.75
CA GLY A 7 -6.33 6.26 -19.28
C GLY A 7 -7.84 6.10 -19.31
N SER A 8 -8.36 5.23 -18.45
CA SER A 8 -9.79 4.98 -18.39
C SER A 8 -10.35 5.38 -17.03
N GLY A 9 -9.65 5.00 -15.97
CA GLY A 9 -10.09 5.32 -14.63
C GLY A 9 -9.04 5.01 -13.58
N GLU A 10 -9.49 4.62 -12.39
CA GLU A 10 -8.58 4.29 -11.29
C GLU A 10 -9.03 3.03 -10.57
N ARG A 11 -8.06 2.19 -10.19
CA ARG A 11 -8.35 0.95 -9.50
C ARG A 11 -9.44 1.16 -8.44
N PRO A 12 -10.14 0.08 -8.08
CA PRO A 12 -11.21 0.12 -7.08
C PRO A 12 -10.66 0.34 -5.68
N PHE A 13 -9.41 -0.03 -5.46
CA PHE A 13 -8.77 0.14 -4.15
C PHE A 13 -7.37 0.74 -4.30
N LYS A 14 -6.81 1.18 -3.18
CA LYS A 14 -5.48 1.78 -3.18
C LYS A 14 -4.83 1.66 -1.80
N CYS A 15 -3.51 1.60 -1.78
CA CYS A 15 -2.76 1.50 -0.53
C CYS A 15 -2.44 2.87 0.03
N ASN A 16 -2.83 3.11 1.27
CA ASN A 16 -2.59 4.39 1.92
C ASN A 16 -1.20 4.41 2.57
N GLU A 17 -0.28 3.61 2.03
CA GLU A 17 1.07 3.55 2.54
C GLU A 17 2.08 4.03 1.52
N CYS A 18 2.05 3.42 0.33
CA CYS A 18 2.97 3.80 -0.74
C CYS A 18 2.20 4.40 -1.92
N GLY A 19 1.09 3.77 -2.28
CA GLY A 19 0.29 4.26 -3.39
C GLY A 19 0.05 3.20 -4.44
N LYS A 20 -0.03 1.94 -4.02
CA LYS A 20 -0.26 0.83 -4.93
C LYS A 20 -1.74 0.51 -5.04
N GLY A 21 -2.18 0.17 -6.24
CA GLY A 21 -3.58 -0.16 -6.45
C GLY A 21 -3.78 -1.57 -6.99
N PHE A 22 -4.92 -2.16 -6.69
CA PHE A 22 -5.22 -3.51 -7.14
C PHE A 22 -6.66 -3.60 -7.66
N GLY A 23 -6.92 -4.61 -8.49
CA GLY A 23 -8.25 -4.79 -9.05
C GLY A 23 -9.22 -5.36 -8.04
N ARG A 24 -8.74 -6.30 -7.22
CA ARG A 24 -9.58 -6.94 -6.22
C ARG A 24 -9.21 -6.45 -4.82
N ARG A 25 -10.22 -6.37 -3.95
CA ARG A 25 -10.00 -5.92 -2.58
C ARG A 25 -8.98 -6.80 -1.86
N SER A 26 -9.32 -8.08 -1.72
CA SER A 26 -8.43 -9.03 -1.06
C SER A 26 -7.03 -8.98 -1.66
N HIS A 27 -6.95 -8.73 -2.96
CA HIS A 27 -5.68 -8.67 -3.66
C HIS A 27 -4.79 -7.59 -3.05
N LEU A 28 -5.40 -6.51 -2.57
CA LEU A 28 -4.68 -5.42 -1.96
C LEU A 28 -4.39 -5.70 -0.49
N ALA A 29 -5.42 -6.11 0.25
CA ALA A 29 -5.28 -6.42 1.66
C ALA A 29 -3.93 -7.05 1.95
N GLY A 30 -3.50 -7.96 1.08
CA GLY A 30 -2.23 -8.63 1.27
C GLY A 30 -1.05 -7.69 1.09
N HIS A 31 -1.17 -6.77 0.13
CA HIS A 31 -0.10 -5.81 -0.14
C HIS A 31 0.26 -5.03 1.11
N LEU A 32 -0.67 -5.00 2.07
CA LEU A 32 -0.45 -4.29 3.32
C LEU A 32 0.15 -5.21 4.38
N ARG A 33 -0.16 -6.50 4.27
CA ARG A 33 0.35 -7.48 5.22
C ARG A 33 1.87 -7.38 5.34
N LEU A 34 2.53 -7.07 4.24
CA LEU A 34 3.98 -6.95 4.22
C LEU A 34 4.42 -5.66 4.90
N HIS A 35 3.59 -4.62 4.80
CA HIS A 35 3.90 -3.33 5.40
C HIS A 35 4.04 -3.46 6.92
N SER A 36 3.23 -4.34 7.50
CA SER A 36 3.26 -4.56 8.95
C SER A 36 3.90 -5.90 9.28
N ARG A 37 4.96 -6.25 8.55
CA ARG A 37 5.65 -7.51 8.77
C ARG A 37 6.32 -7.53 10.13
N GLU A 38 7.14 -6.52 10.40
CA GLU A 38 7.84 -6.41 11.67
C GLU A 38 6.98 -5.73 12.73
N LYS A 39 6.41 -4.58 12.36
CA LYS A 39 5.57 -3.81 13.26
C LYS A 39 4.77 -4.75 14.18
N SER A 40 4.12 -5.73 13.56
CA SER A 40 3.32 -6.69 14.31
C SER A 40 4.16 -7.88 14.76
N SER A 41 3.76 -8.51 15.86
CA SER A 41 4.49 -9.66 16.40
C SER A 41 5.92 -9.28 16.76
N GLY A 42 6.09 -8.07 17.29
CA GLY A 42 7.42 -7.61 17.67
C GLY A 42 7.38 -6.49 18.68
N PRO A 43 8.51 -5.81 18.86
CA PRO A 43 8.63 -4.69 19.81
C PRO A 43 7.84 -3.46 19.36
N SER A 44 6.54 -3.45 19.63
CA SER A 44 5.69 -2.34 19.25
C SER A 44 4.78 -1.92 20.41
N SER A 45 4.17 -2.91 21.06
CA SER A 45 3.27 -2.65 22.17
C SER A 45 3.30 -3.82 23.16
N GLY A 46 3.13 -3.50 24.45
CA GLY A 46 3.14 -4.52 25.48
C GLY A 46 1.89 -5.37 25.45
N GLY A 1 1.21 17.84 -0.52
CA GLY A 1 1.81 17.37 -1.75
C GLY A 1 1.82 15.86 -1.87
N SER A 2 0.73 15.31 -2.39
CA SER A 2 0.60 13.87 -2.55
C SER A 2 -0.47 13.52 -3.59
N SER A 3 -0.03 13.09 -4.77
CA SER A 3 -0.94 12.74 -5.84
C SER A 3 -1.28 11.24 -5.80
N GLY A 4 -2.54 10.93 -6.09
CA GLY A 4 -2.98 9.55 -6.08
C GLY A 4 -4.09 9.28 -7.08
N SER A 5 -3.86 9.65 -8.33
CA SER A 5 -4.85 9.45 -9.38
C SER A 5 -4.19 9.43 -10.75
N SER A 6 -4.50 8.40 -11.54
CA SER A 6 -3.93 8.25 -12.87
C SER A 6 -5.02 7.94 -13.89
N GLY A 7 -4.68 8.08 -15.17
CA GLY A 7 -5.64 7.80 -16.23
C GLY A 7 -5.47 6.41 -16.81
N SER A 8 -4.23 5.99 -16.99
CA SER A 8 -3.95 4.67 -17.55
C SER A 8 -4.98 3.64 -17.08
N GLY A 9 -5.09 3.48 -15.76
CA GLY A 9 -6.04 2.54 -15.20
C GLY A 9 -6.44 2.88 -13.78
N GLU A 10 -7.60 3.51 -13.62
CA GLU A 10 -8.08 3.89 -12.30
C GLU A 10 -8.56 2.67 -11.53
N ARG A 11 -7.73 2.19 -10.61
CA ARG A 11 -8.07 1.03 -9.80
C ARG A 11 -9.15 1.37 -8.77
N PRO A 12 -9.91 0.36 -8.33
CA PRO A 12 -10.97 0.53 -7.35
C PRO A 12 -10.44 0.85 -5.96
N PHE A 13 -9.47 0.06 -5.51
CA PHE A 13 -8.87 0.26 -4.19
C PHE A 13 -7.51 0.93 -4.32
N LYS A 14 -6.95 1.31 -3.17
CA LYS A 14 -5.63 1.97 -3.15
C LYS A 14 -4.97 1.78 -1.80
N CYS A 15 -3.64 1.70 -1.80
CA CYS A 15 -2.88 1.53 -0.57
C CYS A 15 -2.45 2.88 0.00
N ASN A 16 -2.67 3.05 1.31
CA ASN A 16 -2.32 4.30 1.97
C ASN A 16 -0.87 4.27 2.46
N GLU A 17 -0.32 3.05 2.57
CA GLU A 17 1.06 2.89 3.02
C GLU A 17 2.04 3.52 2.03
N CYS A 18 1.95 3.09 0.78
CA CYS A 18 2.82 3.62 -0.27
C CYS A 18 2.01 4.26 -1.39
N GLY A 19 0.96 3.58 -1.81
CA GLY A 19 0.11 4.10 -2.87
C GLY A 19 -0.17 3.08 -3.95
N LYS A 20 0.06 1.80 -3.62
CA LYS A 20 -0.17 0.72 -4.58
C LYS A 20 -1.65 0.60 -4.92
N GLY A 21 -1.93 -0.02 -6.06
CA GLY A 21 -3.31 -0.20 -6.49
C GLY A 21 -3.59 -1.59 -7.00
N PHE A 22 -4.76 -2.13 -6.67
CA PHE A 22 -5.14 -3.46 -7.10
C PHE A 22 -6.58 -3.48 -7.61
N GLY A 23 -6.91 -4.51 -8.38
CA GLY A 23 -8.26 -4.63 -8.92
C GLY A 23 -9.25 -5.15 -7.91
N ARG A 24 -8.85 -6.16 -7.15
CA ARG A 24 -9.70 -6.76 -6.14
C ARG A 24 -9.27 -6.32 -4.74
N ARG A 25 -10.23 -6.34 -3.81
CA ARG A 25 -9.95 -5.95 -2.43
C ARG A 25 -8.93 -6.88 -1.79
N SER A 26 -9.30 -8.15 -1.67
CA SER A 26 -8.42 -9.16 -1.07
C SER A 26 -7.03 -9.11 -1.70
N HIS A 27 -6.99 -8.72 -2.98
CA HIS A 27 -5.72 -8.63 -3.70
C HIS A 27 -4.81 -7.58 -3.08
N LEU A 28 -5.41 -6.49 -2.60
CA LEU A 28 -4.65 -5.41 -1.98
C LEU A 28 -4.39 -5.71 -0.50
N ALA A 29 -5.43 -6.14 0.21
CA ALA A 29 -5.32 -6.46 1.62
C ALA A 29 -3.98 -7.12 1.92
N GLY A 30 -3.56 -8.04 1.05
CA GLY A 30 -2.30 -8.73 1.25
C GLY A 30 -1.11 -7.81 1.06
N HIS A 31 -1.22 -6.88 0.12
CA HIS A 31 -0.13 -5.94 -0.16
C HIS A 31 0.23 -5.15 1.08
N LEU A 32 -0.70 -5.06 2.03
CA LEU A 32 -0.48 -4.33 3.26
C LEU A 32 0.11 -5.24 4.34
N ARG A 33 -0.24 -6.52 4.29
CA ARG A 33 0.25 -7.49 5.25
C ARG A 33 1.76 -7.38 5.40
N LEU A 34 2.45 -7.10 4.30
CA LEU A 34 3.91 -6.96 4.32
C LEU A 34 4.32 -5.62 4.93
N HIS A 35 3.47 -4.62 4.77
CA HIS A 35 3.74 -3.29 5.31
C HIS A 35 3.79 -3.32 6.83
N SER A 36 3.23 -4.37 7.42
CA SER A 36 3.20 -4.53 8.87
C SER A 36 4.37 -5.38 9.34
N ARG A 37 4.62 -6.48 8.65
CA ARG A 37 5.71 -7.39 8.99
C ARG A 37 6.89 -6.62 9.56
N GLU A 38 7.49 -7.15 10.63
CA GLU A 38 8.63 -6.51 11.27
C GLU A 38 8.31 -5.06 11.62
N LYS A 39 7.09 -4.83 12.10
CA LYS A 39 6.66 -3.48 12.47
C LYS A 39 7.52 -2.94 13.61
N SER A 40 7.73 -1.63 13.61
CA SER A 40 8.55 -0.98 14.64
C SER A 40 8.26 -1.58 16.01
N SER A 41 6.98 -1.70 16.35
CA SER A 41 6.58 -2.26 17.63
C SER A 41 7.36 -3.53 17.94
N GLY A 42 8.20 -3.47 18.97
CA GLY A 42 8.99 -4.62 19.35
C GLY A 42 10.43 -4.26 19.67
N PRO A 43 11.34 -5.22 19.50
CA PRO A 43 12.76 -5.02 19.76
C PRO A 43 13.42 -4.10 18.74
N SER A 44 14.46 -3.39 19.16
CA SER A 44 15.17 -2.47 18.29
C SER A 44 16.45 -3.10 17.75
N SER A 45 16.62 -3.04 16.44
CA SER A 45 17.79 -3.61 15.79
C SER A 45 18.03 -2.97 14.42
N GLY A 46 19.30 -2.63 14.15
CA GLY A 46 19.63 -2.01 12.89
C GLY A 46 19.42 -0.51 12.90
N GLY A 1 13.00 18.66 -6.60
CA GLY A 1 14.17 18.21 -7.31
C GLY A 1 14.00 16.84 -7.92
N SER A 2 13.56 15.88 -7.12
CA SER A 2 13.36 14.52 -7.58
C SER A 2 11.88 14.24 -7.84
N SER A 3 11.39 14.68 -8.99
CA SER A 3 9.99 14.49 -9.36
C SER A 3 9.70 13.02 -9.66
N GLY A 4 9.06 12.35 -8.72
CA GLY A 4 8.73 10.95 -8.91
C GLY A 4 7.28 10.63 -8.59
N SER A 5 6.44 10.65 -9.61
CA SER A 5 5.01 10.38 -9.43
C SER A 5 4.50 9.44 -10.52
N SER A 6 3.54 8.60 -10.16
CA SER A 6 2.97 7.65 -11.10
C SER A 6 1.85 8.28 -11.91
N GLY A 7 0.81 8.74 -11.21
CA GLY A 7 -0.32 9.37 -11.88
C GLY A 7 -1.35 8.36 -12.35
N SER A 8 -1.21 7.91 -13.59
CA SER A 8 -2.15 6.95 -14.16
C SER A 8 -2.21 5.69 -13.30
N GLY A 9 -3.40 5.39 -12.77
CA GLY A 9 -3.58 4.22 -11.94
C GLY A 9 -5.02 4.03 -11.53
N GLU A 10 -5.93 4.00 -12.50
CA GLU A 10 -7.34 3.81 -12.23
C GLU A 10 -7.61 2.42 -11.67
N ARG A 11 -7.96 2.36 -10.39
CA ARG A 11 -8.26 1.09 -9.73
C ARG A 11 -9.33 1.26 -8.67
N PRO A 12 -10.04 0.16 -8.37
CA PRO A 12 -11.11 0.17 -7.36
C PRO A 12 -10.58 0.33 -5.95
N PHE A 13 -9.34 -0.09 -5.73
CA PHE A 13 -8.72 0.00 -4.41
C PHE A 13 -7.35 0.65 -4.52
N LYS A 14 -6.87 1.18 -3.40
CA LYS A 14 -5.56 1.83 -3.36
C LYS A 14 -4.96 1.77 -1.95
N CYS A 15 -3.63 1.83 -1.87
CA CYS A 15 -2.95 1.79 -0.59
C CYS A 15 -2.56 3.19 -0.14
N ASN A 16 -2.76 3.47 1.16
CA ASN A 16 -2.43 4.77 1.71
C ASN A 16 -1.00 4.79 2.23
N GLU A 17 -0.46 3.61 2.52
CA GLU A 17 0.91 3.50 3.02
C GLU A 17 1.91 4.05 2.00
N CYS A 18 1.90 3.48 0.81
CA CYS A 18 2.80 3.90 -0.26
C CYS A 18 2.02 4.49 -1.43
N GLY A 19 0.95 3.82 -1.83
CA GLY A 19 0.14 4.29 -2.93
C GLY A 19 -0.11 3.21 -3.97
N LYS A 20 0.05 1.96 -3.57
CA LYS A 20 -0.17 0.84 -4.46
C LYS A 20 -1.62 0.78 -4.93
N GLY A 21 -1.86 0.06 -6.02
CA GLY A 21 -3.21 -0.07 -6.54
C GLY A 21 -3.55 -1.49 -6.94
N PHE A 22 -4.79 -1.90 -6.71
CA PHE A 22 -5.23 -3.24 -7.05
C PHE A 22 -6.68 -3.22 -7.56
N GLY A 23 -7.11 -4.35 -8.12
CA GLY A 23 -8.47 -4.44 -8.64
C GLY A 23 -9.41 -5.09 -7.66
N ARG A 24 -8.94 -6.13 -6.97
CA ARG A 24 -9.77 -6.83 -5.99
C ARG A 24 -9.40 -6.40 -4.57
N ARG A 25 -10.35 -6.54 -3.65
CA ARG A 25 -10.13 -6.17 -2.27
C ARG A 25 -9.05 -7.03 -1.64
N SER A 26 -9.26 -8.35 -1.65
CA SER A 26 -8.31 -9.29 -1.08
C SER A 26 -6.95 -9.15 -1.73
N HIS A 27 -6.94 -8.71 -3.00
CA HIS A 27 -5.70 -8.54 -3.74
C HIS A 27 -4.83 -7.46 -3.10
N LEU A 28 -5.47 -6.40 -2.59
CA LEU A 28 -4.76 -5.31 -1.95
C LEU A 28 -4.49 -5.62 -0.48
N ALA A 29 -5.53 -6.08 0.22
CA ALA A 29 -5.41 -6.42 1.64
C ALA A 29 -4.05 -7.04 1.94
N GLY A 30 -3.61 -7.94 1.06
CA GLY A 30 -2.33 -8.59 1.24
C GLY A 30 -1.16 -7.63 1.10
N HIS A 31 -1.28 -6.70 0.17
CA HIS A 31 -0.22 -5.72 -0.06
C HIS A 31 0.14 -4.98 1.22
N LEU A 32 -0.79 -4.99 2.17
CA LEU A 32 -0.59 -4.32 3.45
C LEU A 32 -0.01 -5.28 4.48
N ARG A 33 -0.19 -6.58 4.25
CA ARG A 33 0.31 -7.59 5.16
C ARG A 33 1.84 -7.52 5.27
N LEU A 34 2.48 -7.10 4.18
CA LEU A 34 3.93 -6.99 4.14
C LEU A 34 4.39 -5.71 4.83
N HIS A 35 3.55 -4.68 4.78
CA HIS A 35 3.87 -3.40 5.40
C HIS A 35 4.12 -3.56 6.89
N SER A 36 3.34 -4.44 7.52
CA SER A 36 3.47 -4.69 8.95
C SER A 36 4.60 -5.67 9.24
N ARG A 37 5.70 -5.52 8.51
CA ARG A 37 6.85 -6.39 8.68
C ARG A 37 8.07 -5.61 9.14
N GLU A 38 8.32 -4.47 8.49
CA GLU A 38 9.46 -3.62 8.84
C GLU A 38 9.04 -2.53 9.81
N LYS A 39 8.51 -2.93 10.96
CA LYS A 39 8.07 -1.98 11.98
C LYS A 39 7.97 -2.66 13.34
N SER A 40 8.10 -1.88 14.40
CA SER A 40 8.03 -2.40 15.76
C SER A 40 6.88 -1.74 16.53
N SER A 41 6.27 -2.51 17.43
CA SER A 41 5.15 -2.01 18.22
C SER A 41 5.62 -1.63 19.62
N GLY A 42 4.73 -0.99 20.38
CA GLY A 42 5.07 -0.58 21.73
C GLY A 42 4.81 0.90 21.97
N PRO A 43 5.72 1.75 21.50
CA PRO A 43 5.62 3.20 21.65
C PRO A 43 4.49 3.79 20.80
N SER A 44 3.37 4.09 21.44
CA SER A 44 2.21 4.65 20.74
C SER A 44 1.30 5.39 21.72
N SER A 45 0.84 6.56 21.30
CA SER A 45 -0.03 7.38 22.13
C SER A 45 -1.43 6.77 22.22
N GLY A 46 -1.59 5.81 23.13
CA GLY A 46 -2.87 5.15 23.30
C GLY A 46 -2.90 3.76 22.69
N GLY A 1 10.21 -3.17 0.41
CA GLY A 1 9.74 -2.31 -0.66
C GLY A 1 9.93 -0.84 -0.35
N SER A 2 8.92 -0.22 0.25
CA SER A 2 8.97 1.19 0.60
C SER A 2 9.59 2.01 -0.53
N SER A 3 9.20 1.70 -1.76
CA SER A 3 9.71 2.40 -2.93
C SER A 3 8.88 3.63 -3.24
N GLY A 4 9.38 4.47 -4.14
CA GLY A 4 8.66 5.68 -4.50
C GLY A 4 8.33 5.73 -5.98
N SER A 5 8.22 6.94 -6.52
CA SER A 5 7.89 7.12 -7.93
C SER A 5 6.61 6.39 -8.29
N SER A 6 5.61 6.50 -7.41
CA SER A 6 4.33 5.85 -7.64
C SER A 6 3.74 6.24 -8.99
N GLY A 7 3.56 5.25 -9.85
CA GLY A 7 3.01 5.51 -11.18
C GLY A 7 1.58 6.03 -11.12
N SER A 8 0.70 5.41 -11.88
CA SER A 8 -0.70 5.81 -11.92
C SER A 8 -1.59 4.66 -12.37
N GLY A 9 -2.84 4.65 -11.89
CA GLY A 9 -3.77 3.60 -12.26
C GLY A 9 -5.12 3.78 -11.62
N GLU A 10 -6.17 3.73 -12.43
CA GLU A 10 -7.54 3.89 -11.93
C GLU A 10 -8.08 2.56 -11.41
N ARG A 11 -7.74 2.24 -10.17
CA ARG A 11 -8.20 1.00 -9.55
C ARG A 11 -9.27 1.28 -8.50
N PRO A 12 -10.04 0.23 -8.14
CA PRO A 12 -11.10 0.34 -7.15
C PRO A 12 -10.57 0.55 -5.74
N PHE A 13 -9.37 0.02 -5.49
CA PHE A 13 -8.75 0.14 -4.17
C PHE A 13 -7.37 0.80 -4.29
N LYS A 14 -6.82 1.22 -3.15
CA LYS A 14 -5.52 1.85 -3.12
C LYS A 14 -4.84 1.67 -1.76
N CYS A 15 -3.52 1.70 -1.75
CA CYS A 15 -2.76 1.53 -0.52
C CYS A 15 -2.44 2.88 0.11
N ASN A 16 -2.86 3.05 1.37
CA ASN A 16 -2.62 4.30 2.08
C ASN A 16 -1.24 4.31 2.73
N GLU A 17 -0.32 3.53 2.15
CA GLU A 17 1.03 3.44 2.69
C GLU A 17 2.04 3.98 1.67
N CYS A 18 2.03 3.41 0.46
CA CYS A 18 2.94 3.83 -0.59
C CYS A 18 2.17 4.46 -1.74
N GLY A 19 1.09 3.80 -2.15
CA GLY A 19 0.28 4.31 -3.25
C GLY A 19 0.00 3.26 -4.30
N LYS A 20 0.06 1.99 -3.89
CA LYS A 20 -0.19 0.88 -4.80
C LYS A 20 -1.68 0.73 -5.09
N GLY A 21 -2.00 0.08 -6.19
CA GLY A 21 -3.39 -0.12 -6.55
C GLY A 21 -3.66 -1.53 -7.07
N PHE A 22 -4.82 -2.08 -6.70
CA PHE A 22 -5.19 -3.42 -7.12
C PHE A 22 -6.63 -3.45 -7.61
N GLY A 23 -6.99 -4.51 -8.33
CA GLY A 23 -8.33 -4.64 -8.86
C GLY A 23 -9.30 -5.26 -7.85
N ARG A 24 -8.81 -6.25 -7.11
CA ARG A 24 -9.64 -6.92 -6.11
C ARG A 24 -9.24 -6.48 -4.70
N ARG A 25 -10.23 -6.42 -3.81
CA ARG A 25 -9.99 -6.01 -2.44
C ARG A 25 -8.96 -6.91 -1.77
N SER A 26 -9.27 -8.20 -1.68
CA SER A 26 -8.37 -9.16 -1.06
C SER A 26 -6.97 -9.07 -1.67
N HIS A 27 -6.92 -8.78 -2.97
CA HIS A 27 -5.65 -8.66 -3.68
C HIS A 27 -4.79 -7.57 -3.06
N LEU A 28 -5.43 -6.51 -2.60
CA LEU A 28 -4.72 -5.39 -1.98
C LEU A 28 -4.44 -5.67 -0.51
N ALA A 29 -5.47 -6.11 0.21
CA ALA A 29 -5.33 -6.42 1.63
C ALA A 29 -3.98 -7.08 1.92
N GLY A 30 -3.57 -7.97 1.02
CA GLY A 30 -2.30 -8.66 1.21
C GLY A 30 -1.11 -7.74 1.04
N HIS A 31 -1.22 -6.78 0.13
CA HIS A 31 -0.14 -5.84 -0.13
C HIS A 31 0.20 -5.05 1.14
N LEU A 32 -0.74 -5.01 2.07
CA LEU A 32 -0.55 -4.29 3.33
C LEU A 32 0.00 -5.22 4.40
N ARG A 33 -0.33 -6.50 4.30
CA ARG A 33 0.13 -7.49 5.26
C ARG A 33 1.66 -7.49 5.36
N LEU A 34 2.31 -7.14 4.25
CA LEU A 34 3.77 -7.11 4.21
C LEU A 34 4.31 -5.83 4.83
N HIS A 35 3.52 -4.75 4.72
CA HIS A 35 3.91 -3.46 5.27
C HIS A 35 4.13 -3.56 6.78
N SER A 36 3.28 -4.33 7.45
CA SER A 36 3.38 -4.50 8.89
C SER A 36 4.38 -5.60 9.24
N ARG A 37 5.42 -5.72 8.41
CA ARG A 37 6.45 -6.73 8.63
C ARG A 37 7.56 -6.19 9.53
N GLU A 38 7.82 -6.89 10.63
CA GLU A 38 8.86 -6.47 11.57
C GLU A 38 8.78 -4.97 11.83
N LYS A 39 7.55 -4.44 11.91
CA LYS A 39 7.35 -3.02 12.15
C LYS A 39 7.92 -2.61 13.50
N SER A 40 9.09 -1.98 13.48
CA SER A 40 9.75 -1.53 14.70
C SER A 40 9.49 -2.52 15.84
N SER A 41 9.55 -3.81 15.53
CA SER A 41 9.33 -4.85 16.52
C SER A 41 10.53 -4.98 17.45
N GLY A 42 10.26 -5.40 18.68
CA GLY A 42 11.33 -5.56 19.66
C GLY A 42 11.43 -4.38 20.60
N PRO A 43 12.50 -3.59 20.45
CA PRO A 43 12.74 -2.41 21.28
C PRO A 43 11.75 -1.29 21.01
N SER A 44 11.63 -0.36 21.95
CA SER A 44 10.72 0.77 21.81
C SER A 44 11.26 1.79 20.81
N SER A 45 12.47 2.27 21.07
CA SER A 45 13.10 3.25 20.20
C SER A 45 13.40 2.65 18.82
N GLY A 46 12.99 3.36 17.78
CA GLY A 46 13.22 2.88 16.42
C GLY A 46 12.14 3.31 15.46
N GLY A 1 9.82 23.00 -9.09
CA GLY A 1 9.82 22.70 -10.51
C GLY A 1 9.43 21.25 -10.79
N SER A 2 8.14 20.97 -10.74
CA SER A 2 7.65 19.62 -10.99
C SER A 2 6.84 19.56 -12.29
N SER A 3 6.84 18.39 -12.92
CA SER A 3 6.11 18.21 -14.17
C SER A 3 5.14 17.04 -14.06
N GLY A 4 4.45 16.96 -12.93
CA GLY A 4 3.49 15.88 -12.71
C GLY A 4 4.02 14.54 -13.15
N SER A 5 3.17 13.74 -13.78
CA SER A 5 3.56 12.42 -14.24
C SER A 5 3.80 11.47 -13.07
N SER A 6 2.91 11.54 -12.08
CA SER A 6 3.02 10.70 -10.89
C SER A 6 2.88 9.23 -11.25
N GLY A 7 1.82 8.92 -12.00
CA GLY A 7 1.58 7.54 -12.40
C GLY A 7 0.11 7.26 -12.67
N SER A 8 -0.18 6.82 -13.89
CA SER A 8 -1.56 6.53 -14.29
C SER A 8 -1.98 5.16 -13.78
N GLY A 9 -3.19 5.08 -13.23
CA GLY A 9 -3.69 3.82 -12.71
C GLY A 9 -5.01 3.98 -11.99
N GLU A 10 -6.11 3.75 -12.71
CA GLU A 10 -7.44 3.87 -12.13
C GLU A 10 -7.92 2.53 -11.58
N ARG A 11 -7.66 2.30 -10.29
CA ARG A 11 -8.06 1.06 -9.65
C ARG A 11 -9.13 1.31 -8.58
N PRO A 12 -9.91 0.27 -8.26
CA PRO A 12 -10.98 0.36 -7.27
C PRO A 12 -10.45 0.51 -5.85
N PHE A 13 -9.23 0.02 -5.63
CA PHE A 13 -8.60 0.10 -4.32
C PHE A 13 -7.19 0.68 -4.42
N LYS A 14 -6.65 1.13 -3.30
CA LYS A 14 -5.32 1.70 -3.25
C LYS A 14 -4.68 1.51 -1.88
N CYS A 15 -3.37 1.76 -1.80
CA CYS A 15 -2.65 1.61 -0.55
C CYS A 15 -2.28 2.97 0.03
N ASN A 16 -2.69 3.22 1.27
CA ASN A 16 -2.42 4.48 1.94
C ASN A 16 -1.03 4.47 2.58
N GLU A 17 -0.17 3.58 2.08
CA GLU A 17 1.18 3.47 2.61
C GLU A 17 2.22 3.94 1.58
N CYS A 18 2.16 3.35 0.38
CA CYS A 18 3.09 3.72 -0.69
C CYS A 18 2.33 4.35 -1.86
N GLY A 19 1.19 3.76 -2.21
CA GLY A 19 0.40 4.29 -3.31
C GLY A 19 0.05 3.23 -4.33
N LYS A 20 0.09 1.97 -3.90
CA LYS A 20 -0.21 0.85 -4.79
C LYS A 20 -1.72 0.74 -5.03
N GLY A 21 -2.10 0.09 -6.12
CA GLY A 21 -3.50 -0.07 -6.43
C GLY A 21 -3.82 -1.46 -6.96
N PHE A 22 -4.95 -2.01 -6.53
CA PHE A 22 -5.37 -3.34 -6.96
C PHE A 22 -6.85 -3.35 -7.36
N GLY A 23 -7.27 -4.39 -8.06
CA GLY A 23 -8.64 -4.50 -8.48
C GLY A 23 -9.51 -5.24 -7.47
N ARG A 24 -8.96 -6.29 -6.89
CA ARG A 24 -9.68 -7.08 -5.90
C ARG A 24 -9.32 -6.65 -4.49
N ARG A 25 -10.34 -6.51 -3.64
CA ARG A 25 -10.14 -6.10 -2.26
C ARG A 25 -9.08 -6.95 -1.58
N SER A 26 -9.20 -8.27 -1.74
CA SER A 26 -8.25 -9.20 -1.15
C SER A 26 -6.86 -9.03 -1.76
N HIS A 27 -6.82 -8.76 -3.06
CA HIS A 27 -5.56 -8.58 -3.76
C HIS A 27 -4.72 -7.48 -3.10
N LEU A 28 -5.40 -6.43 -2.64
CA LEU A 28 -4.71 -5.32 -1.98
C LEU A 28 -4.45 -5.63 -0.51
N ALA A 29 -5.49 -6.06 0.20
CA ALA A 29 -5.36 -6.40 1.61
C ALA A 29 -4.02 -7.06 1.90
N GLY A 30 -3.60 -7.95 1.01
CA GLY A 30 -2.34 -8.65 1.18
C GLY A 30 -1.15 -7.73 1.03
N HIS A 31 -1.25 -6.78 0.10
CA HIS A 31 -0.17 -5.83 -0.15
C HIS A 31 0.18 -5.06 1.11
N LEU A 32 -0.76 -5.01 2.05
CA LEU A 32 -0.55 -4.30 3.31
C LEU A 32 0.00 -5.24 4.38
N ARG A 33 -0.32 -6.52 4.26
CA ARG A 33 0.15 -7.52 5.22
C ARG A 33 1.67 -7.53 5.29
N LEU A 34 2.31 -7.18 4.19
CA LEU A 34 3.78 -7.14 4.14
C LEU A 34 4.31 -5.85 4.74
N HIS A 35 3.47 -4.82 4.79
CA HIS A 35 3.85 -3.54 5.35
C HIS A 35 4.03 -3.63 6.86
N SER A 36 3.18 -4.44 7.50
CA SER A 36 3.23 -4.62 8.95
C SER A 36 4.53 -5.33 9.35
N ARG A 37 5.16 -5.99 8.39
CA ARG A 37 6.41 -6.70 8.66
C ARG A 37 7.32 -5.90 9.57
N GLU A 38 7.68 -4.70 9.14
CA GLU A 38 8.54 -3.84 9.92
C GLU A 38 7.74 -2.79 10.69
N LYS A 39 6.75 -2.20 10.01
CA LYS A 39 5.90 -1.19 10.63
C LYS A 39 5.55 -1.57 12.06
N SER A 40 5.40 -2.87 12.30
CA SER A 40 5.05 -3.37 13.62
C SER A 40 6.31 -3.73 14.41
N SER A 41 6.85 -2.76 15.13
CA SER A 41 8.06 -2.96 15.92
C SER A 41 7.71 -3.23 17.38
N GLY A 42 8.18 -4.36 17.89
CA GLY A 42 7.90 -4.72 19.28
C GLY A 42 9.16 -5.05 20.05
N PRO A 43 9.11 -4.90 21.38
CA PRO A 43 10.24 -5.19 22.26
C PRO A 43 10.54 -6.68 22.35
N SER A 44 9.78 -7.48 21.61
CA SER A 44 9.96 -8.93 21.61
C SER A 44 11.25 -9.31 20.87
N SER A 45 12.31 -9.53 21.62
CA SER A 45 13.60 -9.90 21.05
C SER A 45 13.68 -11.40 20.81
N GLY A 46 13.27 -12.18 21.80
CA GLY A 46 13.30 -13.62 21.68
C GLY A 46 12.14 -14.15 20.85
N GLY A 1 -0.43 16.30 -6.68
CA GLY A 1 0.72 16.03 -7.53
C GLY A 1 0.56 16.63 -8.91
N SER A 2 1.34 16.11 -9.86
CA SER A 2 1.30 16.60 -11.24
C SER A 2 0.57 15.62 -12.14
N SER A 3 1.06 14.37 -12.16
CA SER A 3 0.45 13.33 -12.99
C SER A 3 0.78 11.95 -12.44
N GLY A 4 -0.25 11.15 -12.21
CA GLY A 4 -0.06 9.81 -11.68
C GLY A 4 -0.42 8.73 -12.69
N SER A 5 0.13 8.83 -13.89
CA SER A 5 -0.15 7.86 -14.95
C SER A 5 0.77 6.65 -14.82
N SER A 6 2.04 6.90 -14.58
CA SER A 6 3.02 5.83 -14.45
C SER A 6 2.99 5.23 -13.05
N GLY A 7 1.78 5.04 -12.53
CA GLY A 7 1.62 4.47 -11.20
C GLY A 7 0.31 3.75 -11.02
N SER A 8 -0.35 3.98 -9.88
CA SER A 8 -1.62 3.33 -9.59
C SER A 8 -2.68 4.38 -9.27
N GLY A 9 -3.83 4.26 -9.94
CA GLY A 9 -4.92 5.21 -9.71
C GLY A 9 -6.21 4.76 -10.36
N GLU A 10 -6.10 4.06 -11.48
CA GLU A 10 -7.27 3.58 -12.21
C GLU A 10 -7.75 2.26 -11.64
N ARG A 11 -7.75 2.15 -10.31
CA ARG A 11 -8.20 0.92 -9.64
C ARG A 11 -9.27 1.24 -8.60
N PRO A 12 -10.05 0.21 -8.23
CA PRO A 12 -11.13 0.34 -7.26
C PRO A 12 -10.60 0.57 -5.85
N PHE A 13 -9.44 0.01 -5.56
CA PHE A 13 -8.82 0.15 -4.24
C PHE A 13 -7.43 0.76 -4.36
N LYS A 14 -6.89 1.20 -3.22
CA LYS A 14 -5.57 1.81 -3.19
C LYS A 14 -4.91 1.63 -1.81
N CYS A 15 -3.59 1.71 -1.78
CA CYS A 15 -2.84 1.56 -0.53
C CYS A 15 -2.48 2.92 0.04
N ASN A 16 -2.46 3.01 1.36
CA ASN A 16 -2.12 4.27 2.04
C ASN A 16 -0.65 4.29 2.44
N GLU A 17 -0.09 3.10 2.64
CA GLU A 17 1.32 2.99 3.03
C GLU A 17 2.23 3.65 1.98
N CYS A 18 2.12 3.20 0.74
CA CYS A 18 2.92 3.74 -0.35
C CYS A 18 2.03 4.34 -1.42
N GLY A 19 0.96 3.65 -1.76
CA GLY A 19 0.04 4.14 -2.78
C GLY A 19 -0.24 3.10 -3.85
N LYS A 20 0.06 1.85 -3.56
CA LYS A 20 -0.16 0.76 -4.50
C LYS A 20 -1.63 0.64 -4.87
N GLY A 21 -1.91 0.01 -5.99
CA GLY A 21 -3.29 -0.17 -6.42
C GLY A 21 -3.58 -1.57 -6.92
N PHE A 22 -4.78 -2.07 -6.65
CA PHE A 22 -5.17 -3.40 -7.07
C PHE A 22 -6.62 -3.43 -7.55
N GLY A 23 -6.99 -4.51 -8.22
CA GLY A 23 -8.35 -4.64 -8.72
C GLY A 23 -9.31 -5.19 -7.68
N ARG A 24 -8.90 -6.28 -7.02
CA ARG A 24 -9.74 -6.90 -6.00
C ARG A 24 -9.31 -6.45 -4.61
N ARG A 25 -10.26 -6.45 -3.67
CA ARG A 25 -10.00 -6.04 -2.30
C ARG A 25 -8.95 -6.94 -1.66
N SER A 26 -9.23 -8.24 -1.63
CA SER A 26 -8.32 -9.21 -1.04
C SER A 26 -6.93 -9.11 -1.67
N HIS A 27 -6.89 -8.76 -2.95
CA HIS A 27 -5.63 -8.62 -3.66
C HIS A 27 -4.78 -7.52 -3.05
N LEU A 28 -5.43 -6.45 -2.61
CA LEU A 28 -4.72 -5.32 -2.00
C LEU A 28 -4.44 -5.59 -0.53
N ALA A 29 -5.47 -5.99 0.20
CA ALA A 29 -5.33 -6.28 1.63
C ALA A 29 -3.99 -6.97 1.91
N GLY A 30 -3.62 -7.90 1.06
CA GLY A 30 -2.37 -8.62 1.23
C GLY A 30 -1.15 -7.73 1.04
N HIS A 31 -1.26 -6.79 0.09
CA HIS A 31 -0.17 -5.87 -0.19
C HIS A 31 0.24 -5.10 1.06
N LEU A 32 -0.68 -5.02 2.02
CA LEU A 32 -0.43 -4.30 3.27
C LEU A 32 0.15 -5.25 4.32
N ARG A 33 -0.18 -6.53 4.19
CA ARG A 33 0.30 -7.53 5.14
C ARG A 33 1.82 -7.47 5.29
N LEU A 34 2.50 -7.15 4.19
CA LEU A 34 3.95 -7.05 4.19
C LEU A 34 4.41 -5.75 4.83
N HIS A 35 3.60 -4.70 4.68
CA HIS A 35 3.92 -3.40 5.25
C HIS A 35 4.07 -3.49 6.76
N SER A 36 3.21 -4.29 7.40
CA SER A 36 3.26 -4.46 8.84
C SER A 36 3.82 -5.82 9.21
N ARG A 37 5.13 -5.99 9.00
CA ARG A 37 5.80 -7.25 9.32
C ARG A 37 6.91 -7.03 10.33
N GLU A 38 7.75 -6.03 10.07
CA GLU A 38 8.87 -5.73 10.96
C GLU A 38 8.74 -4.31 11.51
N LYS A 39 7.52 -3.93 11.88
CA LYS A 39 7.26 -2.60 12.42
C LYS A 39 8.05 -2.38 13.71
N SER A 40 9.16 -1.65 13.61
CA SER A 40 10.00 -1.38 14.77
C SER A 40 9.31 -0.40 15.72
N SER A 41 8.97 0.78 15.20
CA SER A 41 8.31 1.80 16.01
C SER A 41 6.85 1.95 15.59
N GLY A 42 5.99 2.22 16.57
CA GLY A 42 4.58 2.39 16.29
C GLY A 42 4.27 3.70 15.59
N PRO A 43 3.22 3.70 14.76
CA PRO A 43 2.80 4.88 14.01
C PRO A 43 2.21 5.97 14.91
N SER A 44 1.71 7.03 14.29
CA SER A 44 1.12 8.13 15.05
C SER A 44 -0.34 7.84 15.38
N SER A 45 -0.63 7.72 16.68
CA SER A 45 -1.99 7.44 17.12
C SER A 45 -2.68 8.72 17.59
N GLY A 46 -4.00 8.63 17.77
CA GLY A 46 -4.76 9.79 18.21
C GLY A 46 -5.44 9.56 19.54
N GLY A 1 -1.07 15.14 -14.21
CA GLY A 1 -1.43 15.42 -15.59
C GLY A 1 -2.09 16.77 -15.75
N SER A 2 -2.18 17.23 -17.00
CA SER A 2 -2.80 18.52 -17.30
C SER A 2 -4.00 18.77 -16.39
N SER A 3 -4.89 17.78 -16.30
CA SER A 3 -6.09 17.89 -15.48
C SER A 3 -6.22 16.68 -14.56
N GLY A 4 -6.14 16.92 -13.26
CA GLY A 4 -6.27 15.84 -12.30
C GLY A 4 -7.68 15.69 -11.77
N SER A 5 -8.65 15.76 -12.67
CA SER A 5 -10.05 15.63 -12.30
C SER A 5 -10.26 14.42 -11.38
N SER A 6 -9.95 13.24 -11.89
CA SER A 6 -10.10 12.00 -11.12
C SER A 6 -9.06 11.93 -10.02
N GLY A 7 -7.79 12.04 -10.40
CA GLY A 7 -6.71 11.98 -9.42
C GLY A 7 -5.67 10.93 -9.78
N SER A 8 -5.16 10.25 -8.75
CA SER A 8 -4.14 9.22 -8.96
C SER A 8 -4.58 7.89 -8.34
N GLY A 9 -5.12 7.00 -9.17
CA GLY A 9 -5.57 5.71 -8.68
C GLY A 9 -6.89 5.29 -9.30
N GLU A 10 -6.84 4.80 -10.53
CA GLU A 10 -8.04 4.35 -11.23
C GLU A 10 -8.63 3.11 -10.56
N ARG A 11 -7.76 2.17 -10.21
CA ARG A 11 -8.19 0.93 -9.57
C ARG A 11 -9.27 1.21 -8.52
N PRO A 12 -10.02 0.17 -8.16
CA PRO A 12 -11.10 0.27 -7.17
C PRO A 12 -10.56 0.50 -5.76
N PHE A 13 -9.33 0.07 -5.52
CA PHE A 13 -8.70 0.22 -4.21
C PHE A 13 -7.30 0.82 -4.35
N LYS A 14 -6.73 1.25 -3.23
CA LYS A 14 -5.40 1.85 -3.22
C LYS A 14 -4.75 1.71 -1.85
N CYS A 15 -3.43 1.66 -1.82
CA CYS A 15 -2.69 1.53 -0.57
C CYS A 15 -2.30 2.90 -0.03
N ASN A 16 -2.74 3.19 1.19
CA ASN A 16 -2.45 4.47 1.83
C ASN A 16 -1.08 4.44 2.50
N GLU A 17 -0.19 3.62 1.97
CA GLU A 17 1.16 3.49 2.54
C GLU A 17 2.21 3.92 1.52
N CYS A 18 2.24 3.26 0.38
CA CYS A 18 3.19 3.57 -0.68
C CYS A 18 2.49 4.18 -1.88
N GLY A 19 1.39 3.57 -2.30
CA GLY A 19 0.63 4.07 -3.44
C GLY A 19 0.36 2.99 -4.47
N LYS A 20 0.20 1.76 -4.00
CA LYS A 20 -0.07 0.63 -4.88
C LYS A 20 -1.56 0.34 -4.95
N GLY A 21 -2.09 0.24 -6.17
CA GLY A 21 -3.50 -0.03 -6.35
C GLY A 21 -3.76 -1.37 -7.01
N PHE A 22 -4.76 -2.09 -6.52
CA PHE A 22 -5.10 -3.40 -7.08
C PHE A 22 -6.54 -3.41 -7.59
N GLY A 23 -6.91 -4.52 -8.23
CA GLY A 23 -8.26 -4.64 -8.77
C GLY A 23 -9.22 -5.25 -7.77
N ARG A 24 -8.78 -6.31 -7.09
CA ARG A 24 -9.61 -6.99 -6.11
C ARG A 24 -9.29 -6.51 -4.69
N ARG A 25 -10.28 -6.56 -3.81
CA ARG A 25 -10.10 -6.13 -2.43
C ARG A 25 -9.07 -7.00 -1.73
N SER A 26 -9.32 -8.30 -1.67
CA SER A 26 -8.42 -9.24 -1.02
C SER A 26 -7.03 -9.16 -1.64
N HIS A 27 -6.98 -8.79 -2.92
CA HIS A 27 -5.71 -8.68 -3.63
C HIS A 27 -4.82 -7.61 -3.00
N LEU A 28 -5.42 -6.48 -2.64
CA LEU A 28 -4.67 -5.39 -2.03
C LEU A 28 -4.42 -5.66 -0.55
N ALA A 29 -5.47 -6.11 0.14
CA ALA A 29 -5.36 -6.42 1.56
C ALA A 29 -4.02 -7.09 1.88
N GLY A 30 -3.59 -7.99 1.00
CA GLY A 30 -2.33 -8.69 1.22
C GLY A 30 -1.13 -7.78 1.03
N HIS A 31 -1.25 -6.82 0.10
CA HIS A 31 -0.16 -5.88 -0.16
C HIS A 31 0.19 -5.08 1.09
N LEU A 32 -0.74 -5.05 2.05
CA LEU A 32 -0.53 -4.31 3.29
C LEU A 32 0.06 -5.23 4.36
N ARG A 33 -0.29 -6.50 4.30
CA ARG A 33 0.21 -7.47 5.28
C ARG A 33 1.74 -7.39 5.39
N LEU A 34 2.40 -7.12 4.27
CA LEU A 34 3.85 -7.02 4.25
C LEU A 34 4.31 -5.73 4.93
N HIS A 35 3.52 -4.67 4.75
CA HIS A 35 3.85 -3.37 5.34
C HIS A 35 3.97 -3.49 6.86
N SER A 36 3.23 -4.42 7.44
CA SER A 36 3.25 -4.63 8.88
C SER A 36 4.54 -5.31 9.32
N ARG A 37 5.15 -6.06 8.39
CA ARG A 37 6.39 -6.76 8.68
C ARG A 37 7.29 -5.94 9.60
N GLU A 38 7.33 -4.63 9.36
CA GLU A 38 8.15 -3.74 10.17
C GLU A 38 7.27 -2.78 10.98
N LYS A 39 6.68 -3.28 12.05
CA LYS A 39 5.82 -2.48 12.91
C LYS A 39 5.84 -2.99 14.34
N SER A 40 5.97 -2.08 15.29
CA SER A 40 6.00 -2.44 16.70
C SER A 40 7.13 -3.44 16.98
N SER A 41 8.29 -3.17 16.43
CA SER A 41 9.45 -4.05 16.61
C SER A 41 10.65 -3.27 17.12
N GLY A 42 11.09 -2.29 16.34
CA GLY A 42 12.23 -1.47 16.74
C GLY A 42 12.10 -0.03 16.30
N PRO A 43 11.09 0.67 16.86
CA PRO A 43 10.84 2.08 16.54
C PRO A 43 11.91 3.01 17.08
N SER A 44 11.95 4.23 16.58
CA SER A 44 12.93 5.21 17.02
C SER A 44 12.30 6.27 17.91
N SER A 45 11.43 5.82 18.83
CA SER A 45 10.75 6.72 19.74
C SER A 45 10.89 6.24 21.18
N GLY A 46 10.94 7.18 22.12
CA GLY A 46 11.06 6.84 23.52
C GLY A 46 9.96 5.91 24.00
N GLY A 1 12.48 17.22 -11.01
CA GLY A 1 11.27 17.81 -10.45
C GLY A 1 10.01 17.07 -10.86
N SER A 2 9.98 15.77 -10.57
CA SER A 2 8.82 14.94 -10.91
C SER A 2 8.77 13.70 -10.03
N SER A 3 7.79 13.65 -9.14
CA SER A 3 7.62 12.53 -8.23
C SER A 3 6.16 12.36 -7.84
N GLY A 4 5.74 11.11 -7.63
CA GLY A 4 4.37 10.84 -7.24
C GLY A 4 3.87 9.52 -7.80
N SER A 5 2.57 9.45 -8.07
CA SER A 5 1.97 8.24 -8.60
C SER A 5 1.92 8.28 -10.13
N SER A 6 2.06 7.12 -10.75
CA SER A 6 2.03 7.02 -12.20
C SER A 6 1.63 5.61 -12.64
N GLY A 7 0.41 5.48 -13.15
CA GLY A 7 -0.08 4.19 -13.60
C GLY A 7 -0.66 4.25 -15.00
N SER A 8 -1.42 3.22 -15.36
CA SER A 8 -2.03 3.15 -16.68
C SER A 8 -3.56 3.20 -16.58
N GLY A 9 -4.05 4.07 -15.70
CA GLY A 9 -5.48 4.20 -15.51
C GLY A 9 -5.86 4.43 -14.07
N GLU A 10 -6.78 3.61 -13.56
CA GLU A 10 -7.24 3.73 -12.18
C GLU A 10 -7.75 2.39 -11.65
N ARG A 11 -7.86 2.28 -10.34
CA ARG A 11 -8.34 1.05 -9.71
C ARG A 11 -9.37 1.36 -8.62
N PRO A 12 -10.15 0.34 -8.24
CA PRO A 12 -11.18 0.48 -7.22
C PRO A 12 -10.59 0.66 -5.82
N PHE A 13 -9.50 -0.06 -5.55
CA PHE A 13 -8.84 0.02 -4.25
C PHE A 13 -7.46 0.65 -4.39
N LYS A 14 -6.94 1.17 -3.28
CA LYS A 14 -5.63 1.80 -3.27
C LYS A 14 -5.01 1.76 -1.88
N CYS A 15 -3.68 1.71 -1.83
CA CYS A 15 -2.96 1.65 -0.56
C CYS A 15 -2.55 3.05 -0.11
N ASN A 16 -2.69 3.32 1.18
CA ASN A 16 -2.33 4.62 1.74
C ASN A 16 -0.89 4.62 2.25
N GLU A 17 -0.38 3.43 2.55
CA GLU A 17 0.98 3.29 3.05
C GLU A 17 1.99 3.87 2.05
N CYS A 18 1.93 3.38 0.81
CA CYS A 18 2.83 3.85 -0.24
C CYS A 18 2.05 4.44 -1.41
N GLY A 19 0.96 3.76 -1.78
CA GLY A 19 0.15 4.24 -2.89
C GLY A 19 -0.09 3.15 -3.93
N LYS A 20 0.01 1.90 -3.52
CA LYS A 20 -0.18 0.78 -4.42
C LYS A 20 -1.64 0.71 -4.90
N GLY A 21 -1.88 -0.04 -5.97
CA GLY A 21 -3.22 -0.18 -6.49
C GLY A 21 -3.51 -1.57 -7.00
N PHE A 22 -4.73 -2.06 -6.74
CA PHE A 22 -5.12 -3.38 -7.17
C PHE A 22 -6.55 -3.38 -7.71
N GLY A 23 -6.94 -4.49 -8.34
CA GLY A 23 -8.29 -4.59 -8.89
C GLY A 23 -9.30 -5.05 -7.86
N ARG A 24 -8.97 -6.12 -7.15
CA ARG A 24 -9.87 -6.66 -6.13
C ARG A 24 -9.43 -6.22 -4.74
N ARG A 25 -10.32 -6.39 -3.77
CA ARG A 25 -10.04 -6.01 -2.39
C ARG A 25 -8.97 -6.92 -1.78
N SER A 26 -9.31 -8.19 -1.62
CA SER A 26 -8.38 -9.17 -1.06
C SER A 26 -7.00 -9.05 -1.70
N HIS A 27 -6.99 -8.68 -2.98
CA HIS A 27 -5.74 -8.53 -3.71
C HIS A 27 -4.85 -7.46 -3.05
N LEU A 28 -5.48 -6.40 -2.56
CA LEU A 28 -4.74 -5.31 -1.92
C LEU A 28 -4.46 -5.64 -0.45
N ALA A 29 -5.50 -6.10 0.25
CA ALA A 29 -5.35 -6.45 1.66
C ALA A 29 -4.00 -7.09 1.94
N GLY A 30 -3.57 -7.96 1.03
CA GLY A 30 -2.29 -8.63 1.20
C GLY A 30 -1.11 -7.68 1.04
N HIS A 31 -1.25 -6.74 0.12
CA HIS A 31 -0.18 -5.76 -0.12
C HIS A 31 0.17 -5.01 1.15
N LEU A 32 -0.76 -5.00 2.11
CA LEU A 32 -0.54 -4.32 3.38
C LEU A 32 0.08 -5.26 4.41
N ARG A 33 -0.17 -6.55 4.24
CA ARG A 33 0.36 -7.56 5.15
C ARG A 33 1.88 -7.45 5.26
N LEU A 34 2.51 -7.05 4.16
CA LEU A 34 3.96 -6.91 4.12
C LEU A 34 4.40 -5.59 4.76
N HIS A 35 3.46 -4.65 4.84
CA HIS A 35 3.74 -3.35 5.43
C HIS A 35 3.85 -3.44 6.95
N SER A 36 3.26 -4.49 7.51
CA SER A 36 3.29 -4.70 8.97
C SER A 36 4.50 -5.53 9.37
N ARG A 37 4.62 -6.71 8.78
CA ARG A 37 5.74 -7.61 9.08
C ARG A 37 7.01 -6.81 9.35
N GLU A 38 7.18 -5.70 8.65
CA GLU A 38 8.35 -4.85 8.82
C GLU A 38 7.96 -3.38 8.89
N LYS A 39 7.84 -2.87 10.11
CA LYS A 39 7.46 -1.47 10.33
C LYS A 39 8.65 -0.67 10.87
N SER A 40 8.45 0.63 11.02
CA SER A 40 9.49 1.51 11.53
C SER A 40 10.35 0.79 12.57
N SER A 41 9.70 0.33 13.64
CA SER A 41 10.40 -0.38 14.70
C SER A 41 9.93 -1.83 14.81
N GLY A 42 9.81 -2.48 13.65
CA GLY A 42 9.37 -3.87 13.63
C GLY A 42 10.29 -4.78 14.41
N PRO A 43 10.39 -6.04 13.97
CA PRO A 43 11.24 -7.04 14.62
C PRO A 43 12.73 -6.74 14.45
N SER A 44 13.57 -7.62 14.97
CA SER A 44 15.02 -7.46 14.87
C SER A 44 15.42 -7.02 13.47
N SER A 45 16.06 -5.86 13.38
CA SER A 45 16.50 -5.32 12.09
C SER A 45 17.92 -5.77 11.78
N GLY A 46 18.39 -5.43 10.58
CA GLY A 46 19.73 -5.80 10.17
C GLY A 46 20.17 -5.09 8.91
N GLY A 1 19.39 12.53 -7.39
CA GLY A 1 19.54 11.66 -6.25
C GLY A 1 18.22 11.33 -5.59
N SER A 2 17.47 12.38 -5.24
CA SER A 2 16.18 12.21 -4.59
C SER A 2 15.04 12.24 -5.61
N SER A 3 14.24 11.18 -5.64
CA SER A 3 13.12 11.09 -6.57
C SER A 3 11.83 10.76 -5.84
N GLY A 4 10.72 11.27 -6.35
CA GLY A 4 9.42 11.02 -5.73
C GLY A 4 8.56 10.08 -6.55
N SER A 5 7.26 10.08 -6.26
CA SER A 5 6.32 9.22 -6.98
C SER A 5 5.20 10.05 -7.61
N SER A 6 4.68 9.56 -8.73
CA SER A 6 3.60 10.25 -9.43
C SER A 6 2.92 9.32 -10.43
N GLY A 7 1.67 8.98 -10.18
CA GLY A 7 0.93 8.10 -11.06
C GLY A 7 -0.54 8.47 -11.16
N SER A 8 -1.38 7.45 -11.34
CA SER A 8 -2.83 7.67 -11.45
C SER A 8 -3.59 6.69 -10.58
N GLY A 9 -4.92 6.83 -10.55
CA GLY A 9 -5.74 5.94 -9.75
C GLY A 9 -6.83 5.29 -10.57
N GLU A 10 -6.45 4.36 -11.44
CA GLU A 10 -7.41 3.67 -12.28
C GLU A 10 -7.76 2.30 -11.70
N ARG A 11 -8.00 2.26 -10.39
CA ARG A 11 -8.33 1.02 -9.71
C ARG A 11 -9.39 1.26 -8.64
N PRO A 12 -10.12 0.20 -8.28
CA PRO A 12 -11.18 0.27 -7.26
C PRO A 12 -10.62 0.49 -5.85
N PHE A 13 -9.42 -0.03 -5.62
CA PHE A 13 -8.78 0.10 -4.31
C PHE A 13 -7.40 0.75 -4.45
N LYS A 14 -6.87 1.25 -3.34
CA LYS A 14 -5.56 1.88 -3.34
C LYS A 14 -4.94 1.84 -1.95
N CYS A 15 -3.61 1.85 -1.91
CA CYS A 15 -2.89 1.80 -0.64
C CYS A 15 -2.46 3.20 -0.21
N ASN A 16 -2.63 3.50 1.08
CA ASN A 16 -2.27 4.80 1.62
C ASN A 16 -0.82 4.81 2.11
N GLU A 17 -0.31 3.61 2.40
CA GLU A 17 1.07 3.47 2.88
C GLU A 17 2.06 3.99 1.85
N CYS A 18 2.00 3.43 0.64
CA CYS A 18 2.90 3.82 -0.43
C CYS A 18 2.12 4.41 -1.60
N GLY A 19 1.03 3.74 -1.98
CA GLY A 19 0.21 4.20 -3.08
C GLY A 19 -0.07 3.10 -4.09
N LYS A 20 0.08 1.86 -3.67
CA LYS A 20 -0.17 0.72 -4.55
C LYS A 20 -1.64 0.64 -4.95
N GLY A 21 -1.90 -0.07 -6.05
CA GLY A 21 -3.27 -0.19 -6.52
C GLY A 21 -3.59 -1.60 -6.98
N PHE A 22 -4.80 -2.06 -6.72
CA PHE A 22 -5.23 -3.39 -7.10
C PHE A 22 -6.68 -3.38 -7.58
N GLY A 23 -7.13 -4.52 -8.11
CA GLY A 23 -8.48 -4.62 -8.61
C GLY A 23 -9.45 -5.15 -7.57
N ARG A 24 -9.06 -6.23 -6.90
CA ARG A 24 -9.90 -6.84 -5.87
C ARG A 24 -9.45 -6.39 -4.48
N ARG A 25 -10.37 -6.51 -3.52
CA ARG A 25 -10.07 -6.12 -2.14
C ARG A 25 -8.99 -7.01 -1.53
N SER A 26 -9.21 -8.32 -1.60
CA SER A 26 -8.26 -9.27 -1.06
C SER A 26 -6.89 -9.11 -1.72
N HIS A 27 -6.89 -8.70 -2.98
CA HIS A 27 -5.65 -8.50 -3.72
C HIS A 27 -4.79 -7.43 -3.07
N LEU A 28 -5.42 -6.37 -2.60
CA LEU A 28 -4.72 -5.27 -1.95
C LEU A 28 -4.44 -5.59 -0.48
N ALA A 29 -5.47 -6.08 0.22
CA ALA A 29 -5.33 -6.44 1.62
C ALA A 29 -3.98 -7.09 1.90
N GLY A 30 -3.54 -7.95 0.98
CA GLY A 30 -2.28 -8.63 1.15
C GLY A 30 -1.10 -7.68 1.00
N HIS A 31 -1.23 -6.70 0.12
CA HIS A 31 -0.16 -5.73 -0.11
C HIS A 31 0.18 -4.98 1.18
N LEU A 32 -0.77 -4.94 2.10
CA LEU A 32 -0.58 -4.25 3.38
C LEU A 32 0.00 -5.20 4.42
N ARG A 33 -0.21 -6.49 4.22
CA ARG A 33 0.30 -7.50 5.14
C ARG A 33 1.82 -7.42 5.26
N LEU A 34 2.47 -7.02 4.17
CA LEU A 34 3.93 -6.90 4.15
C LEU A 34 4.37 -5.56 4.74
N HIS A 35 3.43 -4.62 4.84
CA HIS A 35 3.73 -3.31 5.39
C HIS A 35 3.84 -3.37 6.91
N SER A 36 3.36 -4.45 7.49
CA SER A 36 3.40 -4.64 8.93
C SER A 36 3.89 -6.03 9.30
N ARG A 37 4.94 -6.48 8.61
CA ARG A 37 5.51 -7.80 8.86
C ARG A 37 6.98 -7.69 9.25
N GLU A 38 7.68 -6.71 8.67
CA GLU A 38 9.09 -6.50 8.97
C GLU A 38 9.38 -5.02 9.21
N LYS A 39 8.63 -4.41 10.13
CA LYS A 39 8.80 -3.01 10.45
C LYS A 39 8.96 -2.82 11.97
N SER A 40 9.76 -1.83 12.35
CA SER A 40 9.99 -1.54 13.75
C SER A 40 10.45 -0.10 13.95
N SER A 41 10.05 0.50 15.07
CA SER A 41 10.40 1.88 15.38
C SER A 41 11.90 2.01 15.62
N GLY A 42 12.58 2.67 14.68
CA GLY A 42 14.01 2.86 14.81
C GLY A 42 14.38 3.83 15.91
N PRO A 43 15.49 4.57 15.71
CA PRO A 43 15.96 5.56 16.68
C PRO A 43 15.05 6.77 16.77
N SER A 44 14.22 6.96 15.75
CA SER A 44 13.30 8.09 15.71
C SER A 44 12.55 8.22 17.03
N SER A 45 12.75 9.34 17.72
CA SER A 45 12.10 9.59 18.99
C SER A 45 11.55 11.01 19.06
N GLY A 46 10.24 11.13 19.28
CA GLY A 46 9.62 12.44 19.36
C GLY A 46 9.25 12.99 18.00
N GLY A 1 5.91 25.48 -2.03
CA GLY A 1 5.92 25.03 -3.41
C GLY A 1 4.79 24.07 -3.71
N SER A 2 4.71 23.63 -4.95
CA SER A 2 3.67 22.70 -5.38
C SER A 2 4.26 21.53 -6.16
N SER A 3 4.22 20.35 -5.56
CA SER A 3 4.75 19.16 -6.20
C SER A 3 4.21 17.90 -5.53
N GLY A 4 4.46 16.75 -6.16
CA GLY A 4 3.99 15.49 -5.62
C GLY A 4 4.32 14.30 -6.51
N SER A 5 3.60 13.21 -6.32
CA SER A 5 3.83 12.01 -7.11
C SER A 5 2.60 11.67 -7.96
N SER A 6 2.82 10.91 -9.03
CA SER A 6 1.73 10.52 -9.92
C SER A 6 1.93 9.11 -10.45
N GLY A 7 0.84 8.42 -10.75
CA GLY A 7 0.92 7.07 -11.26
C GLY A 7 0.06 6.85 -12.49
N SER A 8 0.01 5.62 -12.96
CA SER A 8 -0.79 5.28 -14.15
C SER A 8 -1.64 4.06 -13.89
N GLY A 9 -2.95 4.26 -13.78
CA GLY A 9 -3.86 3.15 -13.54
C GLY A 9 -4.94 3.50 -12.53
N GLU A 10 -6.18 3.59 -13.00
CA GLU A 10 -7.30 3.93 -12.12
C GLU A 10 -7.89 2.67 -11.49
N ARG A 11 -7.19 2.12 -10.49
CA ARG A 11 -7.64 0.91 -9.82
C ARG A 11 -8.79 1.23 -8.85
N PRO A 12 -9.60 0.21 -8.55
CA PRO A 12 -10.74 0.36 -7.63
C PRO A 12 -10.30 0.56 -6.19
N PHE A 13 -9.10 0.09 -5.86
CA PHE A 13 -8.57 0.22 -4.52
C PHE A 13 -7.19 0.88 -4.54
N LYS A 14 -6.69 1.23 -3.36
CA LYS A 14 -5.40 1.88 -3.24
C LYS A 14 -4.80 1.65 -1.85
N CYS A 15 -3.48 1.68 -1.77
CA CYS A 15 -2.78 1.49 -0.50
C CYS A 15 -2.48 2.82 0.17
N ASN A 16 -2.90 2.97 1.42
CA ASN A 16 -2.68 4.21 2.16
C ASN A 16 -1.29 4.19 2.81
N GLU A 17 -0.36 3.47 2.19
CA GLU A 17 1.00 3.38 2.71
C GLU A 17 2.01 3.89 1.68
N CYS A 18 2.02 3.25 0.51
CA CYS A 18 2.94 3.63 -0.55
C CYS A 18 2.18 4.26 -1.73
N GLY A 19 1.07 3.63 -2.11
CA GLY A 19 0.28 4.14 -3.21
C GLY A 19 -0.01 3.08 -4.25
N LYS A 20 0.04 1.82 -3.84
CA LYS A 20 -0.22 0.71 -4.74
C LYS A 20 -1.70 0.39 -4.80
N GLY A 21 -2.24 0.30 -6.02
CA GLY A 21 -3.65 0.00 -6.19
C GLY A 21 -3.88 -1.33 -6.88
N PHE A 22 -4.89 -2.07 -6.42
CA PHE A 22 -5.21 -3.37 -7.00
C PHE A 22 -6.65 -3.40 -7.49
N GLY A 23 -7.02 -4.48 -8.17
CA GLY A 23 -8.37 -4.62 -8.70
C GLY A 23 -9.32 -5.21 -7.67
N ARG A 24 -8.88 -6.27 -7.00
CA ARG A 24 -9.71 -6.93 -5.99
C ARG A 24 -9.30 -6.51 -4.60
N ARG A 25 -10.26 -6.48 -3.69
CA ARG A 25 -10.01 -6.09 -2.30
C ARG A 25 -8.96 -7.00 -1.66
N SER A 26 -9.29 -8.29 -1.58
CA SER A 26 -8.38 -9.27 -1.00
C SER A 26 -6.99 -9.18 -1.64
N HIS A 27 -6.96 -8.84 -2.92
CA HIS A 27 -5.71 -8.72 -3.64
C HIS A 27 -4.83 -7.64 -3.04
N LEU A 28 -5.45 -6.54 -2.62
CA LEU A 28 -4.71 -5.43 -2.02
C LEU A 28 -4.45 -5.69 -0.55
N ALA A 29 -5.47 -6.11 0.18
CA ALA A 29 -5.34 -6.40 1.60
C ALA A 29 -4.00 -7.04 1.91
N GLY A 30 -3.59 -7.98 1.06
CA GLY A 30 -2.32 -8.65 1.25
C GLY A 30 -1.13 -7.73 1.05
N HIS A 31 -1.24 -6.82 0.10
CA HIS A 31 -0.17 -5.88 -0.20
C HIS A 31 0.20 -5.08 1.06
N LEU A 32 -0.71 -5.05 2.02
CA LEU A 32 -0.47 -4.32 3.27
C LEU A 32 0.13 -5.23 4.33
N ARG A 33 -0.15 -6.53 4.22
CA ARG A 33 0.38 -7.51 5.17
C ARG A 33 1.90 -7.41 5.26
N LEU A 34 2.53 -7.08 4.14
CA LEU A 34 3.98 -6.96 4.09
C LEU A 34 4.45 -5.65 4.73
N HIS A 35 3.55 -4.68 4.77
CA HIS A 35 3.87 -3.38 5.36
C HIS A 35 3.98 -3.48 6.88
N SER A 36 3.16 -4.33 7.47
CA SER A 36 3.16 -4.52 8.91
C SER A 36 4.11 -5.64 9.30
N ARG A 37 5.27 -5.69 8.65
CA ARG A 37 6.27 -6.71 8.93
C ARG A 37 7.14 -6.31 10.12
N GLU A 38 7.85 -7.28 10.69
CA GLU A 38 8.72 -7.02 11.83
C GLU A 38 8.13 -5.95 12.73
N LYS A 39 6.80 -5.97 12.89
CA LYS A 39 6.12 -5.01 13.73
C LYS A 39 5.41 -5.70 14.89
N SER A 40 4.63 -6.73 14.57
CA SER A 40 3.90 -7.47 15.59
C SER A 40 4.86 -8.30 16.45
N SER A 41 5.80 -8.98 15.78
CA SER A 41 6.77 -9.81 16.49
C SER A 41 7.83 -8.95 17.17
N GLY A 42 7.86 -8.99 18.49
CA GLY A 42 8.82 -8.22 19.24
C GLY A 42 9.92 -9.08 19.85
N PRO A 43 11.18 -8.75 19.54
CA PRO A 43 12.34 -9.49 20.05
C PRO A 43 12.55 -9.28 21.55
N SER A 44 13.27 -10.20 22.18
CA SER A 44 13.54 -10.12 23.61
C SER A 44 15.03 -10.16 23.89
N SER A 45 15.80 -9.45 23.05
CA SER A 45 17.25 -9.41 23.20
C SER A 45 17.75 -7.98 23.32
N GLY A 46 17.03 -7.18 24.11
CA GLY A 46 17.40 -5.79 24.29
C GLY A 46 18.81 -5.65 24.84
N GLY A 1 -9.78 29.41 -15.40
CA GLY A 1 -10.61 28.63 -14.50
C GLY A 1 -10.45 27.14 -14.69
N SER A 2 -11.14 26.59 -15.67
CA SER A 2 -11.08 25.16 -15.95
C SER A 2 -9.64 24.65 -15.83
N SER A 3 -9.49 23.48 -15.22
CA SER A 3 -8.17 22.89 -15.03
C SER A 3 -8.23 21.37 -15.17
N GLY A 4 -7.07 20.74 -15.19
CA GLY A 4 -7.01 19.29 -15.33
C GLY A 4 -6.85 18.59 -14.00
N SER A 5 -6.39 17.35 -14.03
CA SER A 5 -6.20 16.56 -12.81
C SER A 5 -5.33 15.34 -13.09
N SER A 6 -4.09 15.38 -12.61
CA SER A 6 -3.16 14.27 -12.79
C SER A 6 -3.52 13.09 -11.91
N GLY A 7 -4.37 12.21 -12.43
CA GLY A 7 -4.78 11.04 -11.66
C GLY A 7 -4.06 9.78 -12.10
N SER A 8 -3.26 9.23 -11.20
CA SER A 8 -2.50 8.01 -11.50
C SER A 8 -3.05 6.82 -10.70
N GLY A 9 -4.37 6.71 -10.65
CA GLY A 9 -5.00 5.63 -9.93
C GLY A 9 -6.28 5.15 -10.59
N GLU A 10 -6.17 4.16 -11.47
CA GLU A 10 -7.32 3.63 -12.17
C GLU A 10 -7.72 2.26 -11.62
N ARG A 11 -7.86 2.19 -10.29
CA ARG A 11 -8.24 0.95 -9.63
C ARG A 11 -9.34 1.19 -8.60
N PRO A 12 -10.05 0.12 -8.24
CA PRO A 12 -11.14 0.18 -7.26
C PRO A 12 -10.64 0.44 -5.85
N PHE A 13 -9.44 -0.03 -5.56
CA PHE A 13 -8.84 0.15 -4.24
C PHE A 13 -7.46 0.79 -4.35
N LYS A 14 -6.93 1.22 -3.22
CA LYS A 14 -5.61 1.85 -3.18
C LYS A 14 -4.98 1.73 -1.80
N CYS A 15 -3.66 1.71 -1.75
CA CYS A 15 -2.93 1.61 -0.49
C CYS A 15 -2.48 2.97 0.01
N ASN A 16 -2.57 3.19 1.31
CA ASN A 16 -2.16 4.45 1.91
C ASN A 16 -0.71 4.40 2.37
N GLU A 17 -0.22 3.20 2.63
CA GLU A 17 1.15 3.01 3.08
C GLU A 17 2.14 3.59 2.07
N CYS A 18 2.07 3.10 0.83
CA CYS A 18 2.95 3.56 -0.22
C CYS A 18 2.15 4.20 -1.36
N GLY A 19 1.05 3.55 -1.73
CA GLY A 19 0.22 4.06 -2.80
C GLY A 19 -0.04 3.03 -3.89
N LYS A 20 0.05 1.75 -3.52
CA LYS A 20 -0.17 0.66 -4.46
C LYS A 20 -1.65 0.54 -4.81
N GLY A 21 -1.94 -0.10 -5.95
CA GLY A 21 -3.31 -0.28 -6.37
C GLY A 21 -3.59 -1.68 -6.87
N PHE A 22 -4.80 -2.17 -6.63
CA PHE A 22 -5.19 -3.50 -7.05
C PHE A 22 -6.65 -3.52 -7.52
N GLY A 23 -6.99 -4.54 -8.31
CA GLY A 23 -8.35 -4.65 -8.81
C GLY A 23 -9.29 -5.29 -7.80
N ARG A 24 -8.79 -6.29 -7.08
CA ARG A 24 -9.60 -6.99 -6.08
C ARG A 24 -9.23 -6.53 -4.67
N ARG A 25 -10.23 -6.46 -3.81
CA ARG A 25 -10.01 -6.03 -2.42
C ARG A 25 -8.99 -6.91 -1.74
N SER A 26 -9.23 -8.22 -1.74
CA SER A 26 -8.32 -9.17 -1.11
C SER A 26 -6.92 -9.05 -1.70
N HIS A 27 -6.85 -8.74 -3.00
CA HIS A 27 -5.56 -8.60 -3.68
C HIS A 27 -4.73 -7.49 -3.04
N LEU A 28 -5.40 -6.42 -2.61
CA LEU A 28 -4.72 -5.30 -1.98
C LEU A 28 -4.44 -5.58 -0.51
N ALA A 29 -5.50 -5.96 0.21
CA ALA A 29 -5.37 -6.26 1.64
C ALA A 29 -4.04 -6.94 1.94
N GLY A 30 -3.65 -7.88 1.09
CA GLY A 30 -2.40 -8.59 1.29
C GLY A 30 -1.20 -7.69 1.09
N HIS A 31 -1.28 -6.79 0.12
CA HIS A 31 -0.18 -5.87 -0.18
C HIS A 31 0.22 -5.09 1.07
N LEU A 32 -0.70 -5.01 2.03
CA LEU A 32 -0.45 -4.28 3.27
C LEU A 32 0.15 -5.22 4.33
N ARG A 33 -0.16 -6.51 4.22
CA ARG A 33 0.35 -7.49 5.17
C ARG A 33 1.86 -7.40 5.29
N LEU A 34 2.53 -7.09 4.19
CA LEU A 34 3.98 -6.97 4.18
C LEU A 34 4.42 -5.67 4.84
N HIS A 35 3.60 -4.63 4.71
CA HIS A 35 3.91 -3.33 5.30
C HIS A 35 4.04 -3.44 6.82
N SER A 36 3.30 -4.36 7.41
CA SER A 36 3.33 -4.57 8.85
C SER A 36 3.99 -5.90 9.20
N ARG A 37 5.17 -6.14 8.63
CA ARG A 37 5.90 -7.37 8.88
C ARG A 37 7.07 -7.13 9.83
N GLU A 38 7.79 -6.02 9.62
CA GLU A 38 8.92 -5.67 10.45
C GLU A 38 8.87 -4.20 10.87
N LYS A 39 7.70 -3.75 11.29
CA LYS A 39 7.51 -2.38 11.72
C LYS A 39 8.58 -1.97 12.72
N SER A 40 9.00 -0.71 12.65
CA SER A 40 10.02 -0.20 13.56
C SER A 40 9.43 0.08 14.94
N SER A 41 10.29 0.49 15.87
CA SER A 41 9.86 0.79 17.23
C SER A 41 9.47 2.26 17.37
N GLY A 42 8.23 2.50 17.81
CA GLY A 42 7.77 3.87 17.98
C GLY A 42 7.37 4.51 16.67
N PRO A 43 6.15 4.19 16.19
CA PRO A 43 5.63 4.74 14.93
C PRO A 43 5.32 6.22 15.03
N SER A 44 5.53 6.94 13.94
CA SER A 44 5.27 8.38 13.90
C SER A 44 5.25 8.90 12.46
N SER A 45 4.40 9.87 12.21
CA SER A 45 4.28 10.47 10.87
C SER A 45 5.65 10.53 10.19
N GLY A 46 5.76 9.89 9.03
CA GLY A 46 7.01 9.89 8.30
C GLY A 46 7.20 11.16 7.49
N GLY A 1 8.35 12.33 -3.10
CA GLY A 1 7.82 13.63 -3.48
C GLY A 1 6.77 13.53 -4.56
N SER A 2 7.07 12.78 -5.61
CA SER A 2 6.14 12.60 -6.72
C SER A 2 5.64 11.17 -6.80
N SER A 3 5.34 10.58 -5.65
CA SER A 3 4.86 9.21 -5.59
C SER A 3 3.99 8.88 -6.80
N GLY A 4 3.05 9.77 -7.09
CA GLY A 4 2.16 9.57 -8.22
C GLY A 4 1.54 10.86 -8.72
N SER A 5 1.01 10.83 -9.93
CA SER A 5 0.38 12.01 -10.52
C SER A 5 -1.09 11.74 -10.84
N SER A 6 -1.78 11.07 -9.92
CA SER A 6 -3.18 10.74 -10.09
C SER A 6 -3.45 10.21 -11.50
N GLY A 7 -2.56 9.35 -11.97
CA GLY A 7 -2.70 8.78 -13.30
C GLY A 7 -1.83 7.56 -13.51
N SER A 8 -1.84 6.65 -12.55
CA SER A 8 -1.04 5.43 -12.63
C SER A 8 -1.90 4.20 -12.41
N GLY A 9 -3.09 4.20 -13.01
CA GLY A 9 -3.99 3.07 -12.88
C GLY A 9 -5.29 3.45 -12.21
N GLU A 10 -6.39 3.32 -12.94
CA GLU A 10 -7.70 3.65 -12.41
C GLU A 10 -8.31 2.47 -11.66
N ARG A 11 -7.54 1.93 -10.71
CA ARG A 11 -7.99 0.80 -9.91
C ARG A 11 -9.01 1.24 -8.87
N PRO A 12 -9.87 0.30 -8.44
CA PRO A 12 -10.90 0.56 -7.45
C PRO A 12 -10.33 0.80 -6.05
N PHE A 13 -9.33 0.01 -5.69
CA PHE A 13 -8.68 0.14 -4.39
C PHE A 13 -7.32 0.81 -4.52
N LYS A 14 -6.79 1.27 -3.39
CA LYS A 14 -5.49 1.93 -3.38
C LYS A 14 -4.84 1.84 -1.99
N CYS A 15 -3.52 1.67 -1.97
CA CYS A 15 -2.79 1.58 -0.72
C CYS A 15 -2.38 2.95 -0.21
N ASN A 16 -2.81 3.27 1.01
CA ASN A 16 -2.50 4.57 1.62
C ASN A 16 -1.08 4.56 2.19
N GLU A 17 -0.49 3.38 2.27
CA GLU A 17 0.87 3.25 2.80
C GLU A 17 1.90 3.78 1.81
N CYS A 18 1.91 3.19 0.61
CA CYS A 18 2.83 3.60 -0.43
C CYS A 18 2.10 4.17 -1.64
N GLY A 19 1.00 3.51 -2.01
CA GLY A 19 0.22 3.96 -3.14
C GLY A 19 -0.09 2.84 -4.13
N LYS A 20 0.19 1.60 -3.71
CA LYS A 20 -0.06 0.44 -4.57
C LYS A 20 -1.55 0.13 -4.63
N GLY A 21 -2.10 0.12 -5.83
CA GLY A 21 -3.51 -0.16 -6.01
C GLY A 21 -3.75 -1.46 -6.78
N PHE A 22 -4.83 -2.14 -6.45
CA PHE A 22 -5.17 -3.41 -7.11
C PHE A 22 -6.61 -3.39 -7.60
N GLY A 23 -6.99 -4.43 -8.35
CA GLY A 23 -8.35 -4.52 -8.86
C GLY A 23 -9.31 -5.12 -7.86
N ARG A 24 -8.86 -6.16 -7.16
CA ARG A 24 -9.69 -6.83 -6.18
C ARG A 24 -9.32 -6.39 -4.76
N ARG A 25 -10.28 -6.49 -3.85
CA ARG A 25 -10.06 -6.10 -2.46
C ARG A 25 -8.98 -6.97 -1.81
N SER A 26 -9.31 -8.24 -1.60
CA SER A 26 -8.37 -9.18 -0.99
C SER A 26 -7.00 -9.09 -1.66
N HIS A 27 -7.00 -8.72 -2.93
CA HIS A 27 -5.75 -8.60 -3.68
C HIS A 27 -4.85 -7.53 -3.08
N LEU A 28 -5.47 -6.45 -2.61
CA LEU A 28 -4.72 -5.36 -2.00
C LEU A 28 -4.45 -5.62 -0.52
N ALA A 29 -5.46 -6.13 0.18
CA ALA A 29 -5.33 -6.44 1.59
C ALA A 29 -3.99 -7.11 1.89
N GLY A 30 -3.59 -8.03 1.02
CA GLY A 30 -2.34 -8.73 1.21
C GLY A 30 -1.13 -7.83 1.00
N HIS A 31 -1.29 -6.82 0.15
CA HIS A 31 -0.21 -5.88 -0.14
C HIS A 31 0.17 -5.09 1.10
N LEU A 32 -0.75 -5.03 2.06
CA LEU A 32 -0.52 -4.30 3.30
C LEU A 32 0.07 -5.22 4.37
N ARG A 33 -0.14 -6.52 4.21
CA ARG A 33 0.37 -7.50 5.17
C ARG A 33 1.88 -7.41 5.28
N LEU A 34 2.54 -7.01 4.18
CA LEU A 34 3.99 -6.89 4.16
C LEU A 34 4.42 -5.57 4.80
N HIS A 35 3.50 -4.62 4.86
CA HIS A 35 3.80 -3.31 5.44
C HIS A 35 3.89 -3.41 6.97
N SER A 36 3.26 -4.45 7.53
CA SER A 36 3.27 -4.65 8.97
C SER A 36 4.53 -5.39 9.40
N ARG A 37 4.82 -6.51 8.74
CA ARG A 37 5.99 -7.31 9.06
C ARG A 37 7.16 -6.42 9.50
N GLU A 38 7.78 -6.79 10.62
CA GLU A 38 8.89 -6.02 11.15
C GLU A 38 8.42 -4.70 11.75
N LYS A 39 7.26 -4.73 12.38
CA LYS A 39 6.69 -3.53 13.00
C LYS A 39 7.32 -3.27 14.36
N SER A 40 7.22 -2.02 14.82
CA SER A 40 7.78 -1.63 16.10
C SER A 40 7.26 -2.53 17.22
N SER A 41 8.17 -3.26 17.86
CA SER A 41 7.80 -4.16 18.93
C SER A 41 6.88 -3.47 19.93
N GLY A 42 5.75 -4.11 20.23
CA GLY A 42 4.79 -3.54 21.17
C GLY A 42 3.62 -4.46 21.42
N PRO A 43 2.94 -4.25 22.56
CA PRO A 43 1.77 -5.05 22.94
C PRO A 43 0.57 -4.79 22.05
N SER A 44 0.50 -5.50 20.93
CA SER A 44 -0.61 -5.34 19.99
C SER A 44 -1.54 -6.54 20.05
N SER A 45 -2.76 -6.32 20.53
CA SER A 45 -3.75 -7.37 20.65
C SER A 45 -4.35 -7.71 19.28
N GLY A 46 -4.60 -9.00 19.06
CA GLY A 46 -5.16 -9.43 17.79
C GLY A 46 -4.79 -10.86 17.45
N GLY A 1 8.42 5.55 -5.64
CA GLY A 1 7.91 6.64 -6.45
C GLY A 1 8.60 7.96 -6.15
N SER A 2 9.92 7.95 -6.16
CA SER A 2 10.71 9.16 -5.88
C SER A 2 10.71 10.10 -7.09
N SER A 3 10.00 11.21 -6.96
CA SER A 3 9.91 12.18 -8.04
C SER A 3 9.30 11.57 -9.29
N GLY A 4 8.24 10.78 -9.09
CA GLY A 4 7.57 10.13 -10.21
C GLY A 4 6.06 10.20 -10.10
N SER A 5 5.42 10.71 -11.14
CA SER A 5 3.97 10.83 -11.15
C SER A 5 3.31 9.51 -11.57
N SER A 6 3.84 8.40 -11.05
CA SER A 6 3.32 7.09 -11.38
C SER A 6 1.81 7.03 -11.15
N GLY A 7 1.20 5.93 -11.57
CA GLY A 7 -0.24 5.77 -11.41
C GLY A 7 -0.70 4.34 -11.66
N SER A 8 -1.42 3.79 -10.68
CA SER A 8 -1.92 2.42 -10.80
C SER A 8 -2.81 2.26 -12.03
N GLY A 9 -3.82 3.12 -12.14
CA GLY A 9 -4.72 3.05 -13.27
C GLY A 9 -6.18 3.11 -12.85
N GLU A 10 -6.56 4.20 -12.20
CA GLU A 10 -7.93 4.38 -11.74
C GLU A 10 -8.47 3.09 -11.13
N ARG A 11 -7.64 2.42 -10.35
CA ARG A 11 -8.03 1.17 -9.70
C ARG A 11 -9.13 1.42 -8.67
N PRO A 12 -9.88 0.35 -8.35
CA PRO A 12 -10.98 0.43 -7.37
C PRO A 12 -10.46 0.61 -5.95
N PHE A 13 -9.26 0.10 -5.69
CA PHE A 13 -8.66 0.21 -4.36
C PHE A 13 -7.27 0.84 -4.44
N LYS A 14 -6.76 1.29 -3.30
CA LYS A 14 -5.45 1.92 -3.24
C LYS A 14 -4.83 1.77 -1.85
N CYS A 15 -3.51 1.67 -1.80
CA CYS A 15 -2.80 1.52 -0.53
C CYS A 15 -2.49 2.88 0.07
N ASN A 16 -2.95 3.10 1.30
CA ASN A 16 -2.71 4.37 1.98
C ASN A 16 -1.35 4.37 2.67
N GLU A 17 -0.45 3.54 2.16
CA GLU A 17 0.90 3.45 2.73
C GLU A 17 1.94 3.94 1.73
N CYS A 18 1.97 3.31 0.56
CA CYS A 18 2.92 3.70 -0.49
C CYS A 18 2.21 4.34 -1.66
N GLY A 19 1.10 3.74 -2.08
CA GLY A 19 0.34 4.27 -3.20
C GLY A 19 0.05 3.22 -4.25
N LYS A 20 0.05 1.96 -3.84
CA LYS A 20 -0.22 0.85 -4.76
C LYS A 20 -1.71 0.76 -5.09
N GLY A 21 -2.04 0.03 -6.15
CA GLY A 21 -3.43 -0.13 -6.54
C GLY A 21 -3.74 -1.53 -7.00
N PHE A 22 -4.93 -2.02 -6.66
CA PHE A 22 -5.34 -3.35 -7.04
C PHE A 22 -6.80 -3.36 -7.49
N GLY A 23 -7.20 -4.44 -8.16
CA GLY A 23 -8.57 -4.55 -8.63
C GLY A 23 -9.49 -5.22 -7.64
N ARG A 24 -8.96 -6.20 -6.91
CA ARG A 24 -9.74 -6.92 -5.91
C ARG A 24 -9.35 -6.48 -4.50
N ARG A 25 -10.33 -6.50 -3.59
CA ARG A 25 -10.09 -6.10 -2.21
C ARG A 25 -9.04 -7.00 -1.57
N SER A 26 -9.27 -8.30 -1.63
CA SER A 26 -8.35 -9.28 -1.05
C SER A 26 -6.97 -9.16 -1.67
N HIS A 27 -6.92 -8.74 -2.94
CA HIS A 27 -5.67 -8.58 -3.64
C HIS A 27 -4.79 -7.51 -2.99
N LEU A 28 -5.41 -6.39 -2.64
CA LEU A 28 -4.70 -5.29 -1.99
C LEU A 28 -4.42 -5.60 -0.52
N ALA A 29 -5.44 -6.10 0.17
CA ALA A 29 -5.31 -6.43 1.57
C ALA A 29 -3.97 -7.12 1.86
N GLY A 30 -3.56 -7.99 0.94
CA GLY A 30 -2.30 -8.70 1.12
C GLY A 30 -1.10 -7.79 0.95
N HIS A 31 -1.23 -6.79 0.09
CA HIS A 31 -0.14 -5.84 -0.16
C HIS A 31 0.21 -5.08 1.11
N LEU A 32 -0.72 -5.08 2.07
CA LEU A 32 -0.51 -4.37 3.33
C LEU A 32 0.09 -5.31 4.38
N ARG A 33 -0.11 -6.61 4.18
CA ARG A 33 0.42 -7.61 5.11
C ARG A 33 1.92 -7.47 5.27
N LEU A 34 2.58 -6.98 4.22
CA LEU A 34 4.02 -6.79 4.24
C LEU A 34 4.40 -5.47 4.89
N HIS A 35 3.44 -4.55 4.94
CA HIS A 35 3.67 -3.25 5.56
C HIS A 35 3.70 -3.35 7.08
N SER A 36 3.08 -4.40 7.60
CA SER A 36 3.02 -4.62 9.04
C SER A 36 4.29 -5.32 9.54
N ARG A 37 4.64 -6.41 8.88
CA ARG A 37 5.83 -7.19 9.25
C ARG A 37 6.98 -6.25 9.60
N GLU A 38 7.12 -5.16 8.85
CA GLU A 38 8.18 -4.19 9.09
C GLU A 38 7.61 -2.82 9.40
N LYS A 39 6.82 -2.75 10.48
CA LYS A 39 6.21 -1.49 10.89
C LYS A 39 6.75 -1.04 12.25
N SER A 40 7.16 -2.01 13.06
CA SER A 40 7.70 -1.72 14.39
C SER A 40 8.67 -0.54 14.34
N SER A 41 9.72 -0.69 13.53
CA SER A 41 10.72 0.36 13.39
C SER A 41 10.14 1.60 12.72
N GLY A 42 9.32 1.38 11.70
CA GLY A 42 8.70 2.48 10.99
C GLY A 42 9.61 3.68 10.89
N PRO A 43 10.66 3.58 10.06
CA PRO A 43 11.63 4.66 9.86
C PRO A 43 11.03 5.85 9.11
N SER A 44 11.54 7.04 9.40
CA SER A 44 11.04 8.25 8.75
C SER A 44 9.52 8.24 8.67
N SER A 45 8.88 7.80 9.74
CA SER A 45 7.42 7.74 9.79
C SER A 45 6.81 8.93 9.06
N GLY A 46 6.26 8.67 7.87
CA GLY A 46 5.65 9.74 7.10
C GLY A 46 4.27 9.36 6.59
N GLY A 1 10.35 -1.73 -22.54
CA GLY A 1 9.38 -2.79 -22.29
C GLY A 1 7.96 -2.27 -22.25
N SER A 2 7.28 -2.34 -23.39
CA SER A 2 5.90 -1.86 -23.49
C SER A 2 5.76 -0.47 -22.88
N SER A 3 6.73 0.39 -23.17
CA SER A 3 6.71 1.76 -22.64
C SER A 3 5.60 2.58 -23.29
N GLY A 4 5.42 3.80 -22.82
CA GLY A 4 4.38 4.67 -23.37
C GLY A 4 4.11 5.87 -22.48
N SER A 5 3.04 5.79 -21.70
CA SER A 5 2.66 6.88 -20.81
C SER A 5 3.35 6.74 -19.46
N SER A 6 3.12 7.71 -18.58
CA SER A 6 3.73 7.71 -17.26
C SER A 6 2.67 7.92 -16.17
N GLY A 7 2.68 7.05 -15.17
CA GLY A 7 1.71 7.16 -14.09
C GLY A 7 0.29 7.32 -14.58
N SER A 8 -0.17 6.34 -15.36
CA SER A 8 -1.52 6.38 -15.90
C SER A 8 -2.25 5.06 -15.66
N GLY A 9 -3.18 5.07 -14.71
CA GLY A 9 -3.94 3.88 -14.38
C GLY A 9 -4.92 4.10 -13.26
N GLU A 10 -6.18 3.70 -13.49
CA GLU A 10 -7.23 3.87 -12.49
C GLU A 10 -7.66 2.51 -11.94
N ARG A 11 -7.47 2.32 -10.63
CA ARG A 11 -7.84 1.06 -9.99
C ARG A 11 -8.97 1.29 -9.00
N PRO A 12 -9.67 0.19 -8.65
CA PRO A 12 -10.79 0.25 -7.70
C PRO A 12 -10.34 0.53 -6.27
N PHE A 13 -9.21 -0.07 -5.90
CA PHE A 13 -8.67 0.12 -4.55
C PHE A 13 -7.29 0.78 -4.60
N LYS A 14 -6.82 1.25 -3.46
CA LYS A 14 -5.52 1.90 -3.38
C LYS A 14 -4.93 1.76 -1.97
N CYS A 15 -3.60 1.76 -1.89
CA CYS A 15 -2.92 1.64 -0.61
C CYS A 15 -2.48 3.01 -0.10
N ASN A 16 -2.65 3.23 1.20
CA ASN A 16 -2.28 4.49 1.82
C ASN A 16 -0.84 4.44 2.33
N GLU A 17 -0.35 3.23 2.57
CA GLU A 17 1.01 3.05 3.07
C GLU A 17 2.03 3.61 2.08
N CYS A 18 2.00 3.11 0.85
CA CYS A 18 2.92 3.56 -0.19
C CYS A 18 2.16 4.23 -1.33
N GLY A 19 1.07 3.60 -1.76
CA GLY A 19 0.27 4.15 -2.84
C GLY A 19 0.01 3.13 -3.93
N LYS A 20 0.09 1.86 -3.58
CA LYS A 20 -0.15 0.78 -4.54
C LYS A 20 -1.64 0.51 -4.70
N GLY A 21 -2.06 0.24 -5.94
CA GLY A 21 -3.46 -0.02 -6.20
C GLY A 21 -3.69 -1.41 -6.78
N PHE A 22 -4.85 -1.99 -6.50
CA PHE A 22 -5.18 -3.31 -7.00
C PHE A 22 -6.61 -3.36 -7.52
N GLY A 23 -6.96 -4.45 -8.20
CA GLY A 23 -8.28 -4.59 -8.76
C GLY A 23 -9.26 -5.17 -7.76
N ARG A 24 -8.86 -6.25 -7.08
CA ARG A 24 -9.70 -6.90 -6.10
C ARG A 24 -9.35 -6.45 -4.69
N ARG A 25 -10.29 -6.60 -3.77
CA ARG A 25 -10.08 -6.21 -2.38
C ARG A 25 -9.01 -7.06 -1.72
N SER A 26 -9.27 -8.36 -1.63
CA SER A 26 -8.32 -9.29 -1.02
C SER A 26 -6.93 -9.13 -1.64
N HIS A 27 -6.91 -8.74 -2.91
CA HIS A 27 -5.65 -8.55 -3.63
C HIS A 27 -4.80 -7.48 -2.97
N LEU A 28 -5.45 -6.39 -2.56
CA LEU A 28 -4.76 -5.27 -1.92
C LEU A 28 -4.47 -5.58 -0.45
N ALA A 29 -5.51 -6.03 0.26
CA ALA A 29 -5.37 -6.37 1.67
C ALA A 29 -4.02 -7.04 1.95
N GLY A 30 -3.63 -7.95 1.05
CA GLY A 30 -2.38 -8.66 1.22
C GLY A 30 -1.18 -7.75 1.05
N HIS A 31 -1.29 -6.79 0.13
CA HIS A 31 -0.20 -5.85 -0.13
C HIS A 31 0.17 -5.07 1.14
N LEU A 32 -0.76 -5.04 2.09
CA LEU A 32 -0.53 -4.33 3.35
C LEU A 32 0.06 -5.27 4.40
N ARG A 33 -0.24 -6.57 4.26
CA ARG A 33 0.25 -7.56 5.20
C ARG A 33 1.78 -7.54 5.27
N LEU A 34 2.40 -7.19 4.15
CA LEU A 34 3.86 -7.13 4.08
C LEU A 34 4.39 -5.84 4.71
N HIS A 35 3.55 -4.80 4.68
CA HIS A 35 3.93 -3.51 5.25
C HIS A 35 4.14 -3.62 6.76
N SER A 36 3.33 -4.43 7.41
CA SER A 36 3.43 -4.62 8.85
C SER A 36 4.50 -5.66 9.19
N ARG A 37 5.60 -5.63 8.45
CA ARG A 37 6.69 -6.56 8.66
C ARG A 37 7.81 -5.91 9.48
N GLU A 38 8.16 -4.67 9.12
CA GLU A 38 9.21 -3.95 9.82
C GLU A 38 8.64 -2.72 10.54
N LYS A 39 7.52 -2.91 11.23
CA LYS A 39 6.87 -1.83 11.94
C LYS A 39 7.83 -1.21 12.95
N SER A 40 7.39 -0.11 13.58
CA SER A 40 8.22 0.58 14.56
C SER A 40 8.76 -0.39 15.61
N SER A 41 10.03 -0.21 15.96
CA SER A 41 10.67 -1.08 16.95
C SER A 41 9.87 -1.09 18.26
N GLY A 42 9.45 0.08 18.70
CA GLY A 42 8.68 0.19 19.93
C GLY A 42 7.68 1.31 19.89
N PRO A 43 6.50 1.08 20.50
CA PRO A 43 5.42 2.08 20.55
C PRO A 43 5.77 3.26 21.44
N SER A 44 6.28 4.32 20.85
CA SER A 44 6.65 5.52 21.59
C SER A 44 5.75 6.69 21.22
N SER A 45 5.70 7.02 19.94
CA SER A 45 4.89 8.13 19.45
C SER A 45 3.44 7.97 19.92
N GLY A 46 2.80 9.09 20.23
CA GLY A 46 1.42 9.06 20.68
C GLY A 46 0.59 8.05 19.92
N GLY A 1 8.99 3.68 -5.40
CA GLY A 1 8.99 2.98 -6.67
C GLY A 1 7.63 2.99 -7.33
N SER A 2 7.20 4.15 -7.81
CA SER A 2 5.91 4.29 -8.46
C SER A 2 6.07 4.72 -9.92
N SER A 3 6.38 3.75 -10.78
CA SER A 3 6.57 4.02 -12.20
C SER A 3 5.24 3.93 -12.95
N GLY A 4 4.55 2.82 -12.78
CA GLY A 4 3.28 2.63 -13.46
C GLY A 4 3.36 1.62 -14.58
N SER A 5 2.35 1.62 -15.44
CA SER A 5 2.31 0.69 -16.56
C SER A 5 1.35 1.18 -17.65
N SER A 6 1.77 1.07 -18.90
CA SER A 6 0.95 1.50 -20.03
C SER A 6 -0.50 1.06 -19.85
N GLY A 7 -1.41 2.02 -19.87
CA GLY A 7 -2.83 1.71 -19.71
C GLY A 7 -3.13 1.10 -18.36
N SER A 8 -2.75 1.80 -17.29
CA SER A 8 -2.99 1.32 -15.95
C SER A 8 -2.87 2.47 -14.94
N GLY A 9 -3.99 2.79 -14.28
CA GLY A 9 -4.00 3.85 -13.31
C GLY A 9 -5.28 3.89 -12.49
N GLU A 10 -6.41 3.74 -13.17
CA GLU A 10 -7.71 3.75 -12.51
C GLU A 10 -8.00 2.41 -11.84
N ARG A 11 -8.02 2.40 -10.52
CA ARG A 11 -8.29 1.18 -9.76
C ARG A 11 -9.34 1.43 -8.69
N PRO A 12 -10.07 0.36 -8.31
CA PRO A 12 -11.11 0.43 -7.30
C PRO A 12 -10.55 0.65 -5.90
N PHE A 13 -9.43 0.00 -5.60
CA PHE A 13 -8.78 0.13 -4.30
C PHE A 13 -7.44 0.83 -4.42
N LYS A 14 -6.92 1.30 -3.30
CA LYS A 14 -5.64 1.99 -3.28
C LYS A 14 -5.00 1.92 -1.89
N CYS A 15 -3.68 1.81 -1.85
CA CYS A 15 -2.95 1.74 -0.59
C CYS A 15 -2.49 3.11 -0.14
N ASN A 16 -2.75 3.44 1.12
CA ASN A 16 -2.36 4.74 1.67
C ASN A 16 -0.93 4.70 2.20
N GLU A 17 -0.43 3.50 2.44
CA GLU A 17 0.92 3.32 2.95
C GLU A 17 1.95 3.82 1.94
N CYS A 18 1.91 3.26 0.73
CA CYS A 18 2.83 3.65 -0.33
C CYS A 18 2.09 4.28 -1.50
N GLY A 19 1.00 3.63 -1.92
CA GLY A 19 0.21 4.15 -3.02
C GLY A 19 -0.04 3.10 -4.09
N LYS A 20 0.02 1.83 -3.69
CA LYS A 20 -0.20 0.73 -4.63
C LYS A 20 -1.68 0.58 -4.95
N GLY A 21 -1.97 0.01 -6.11
CA GLY A 21 -3.35 -0.19 -6.52
C GLY A 21 -3.62 -1.60 -7.00
N PHE A 22 -4.81 -2.10 -6.70
CA PHE A 22 -5.19 -3.45 -7.10
C PHE A 22 -6.63 -3.48 -7.63
N GLY A 23 -6.97 -4.55 -8.35
CA GLY A 23 -8.30 -4.67 -8.91
C GLY A 23 -9.31 -5.14 -7.87
N ARG A 24 -8.94 -6.15 -7.10
CA ARG A 24 -9.83 -6.69 -6.07
C ARG A 24 -9.36 -6.29 -4.68
N ARG A 25 -10.26 -6.37 -3.71
CA ARG A 25 -9.94 -6.03 -2.33
C ARG A 25 -8.87 -6.96 -1.77
N SER A 26 -9.23 -8.23 -1.62
CA SER A 26 -8.31 -9.23 -1.09
C SER A 26 -6.93 -9.07 -1.71
N HIS A 27 -6.89 -8.68 -2.97
CA HIS A 27 -5.63 -8.49 -3.69
C HIS A 27 -4.78 -7.42 -3.01
N LEU A 28 -5.41 -6.35 -2.58
CA LEU A 28 -4.72 -5.26 -1.91
C LEU A 28 -4.45 -5.59 -0.45
N ALA A 29 -5.47 -6.08 0.24
CA ALA A 29 -5.34 -6.45 1.64
C ALA A 29 -4.00 -7.12 1.92
N GLY A 30 -3.61 -8.02 1.02
CA GLY A 30 -2.34 -8.72 1.19
C GLY A 30 -1.15 -7.81 1.02
N HIS A 31 -1.29 -6.81 0.14
CA HIS A 31 -0.21 -5.86 -0.11
C HIS A 31 0.17 -5.11 1.17
N LEU A 32 -0.76 -5.08 2.13
CA LEU A 32 -0.53 -4.38 3.39
C LEU A 32 0.06 -5.34 4.43
N ARG A 33 -0.25 -6.63 4.28
CA ARG A 33 0.24 -7.64 5.21
C ARG A 33 1.76 -7.57 5.33
N LEU A 34 2.41 -7.20 4.23
CA LEU A 34 3.87 -7.10 4.21
C LEU A 34 4.34 -5.81 4.87
N HIS A 35 3.53 -4.76 4.74
CA HIS A 35 3.85 -3.47 5.32
C HIS A 35 4.04 -3.57 6.83
N SER A 36 3.21 -4.40 7.46
CA SER A 36 3.29 -4.59 8.91
C SER A 36 4.54 -5.40 9.29
N ARG A 37 4.84 -6.41 8.48
CA ARG A 37 6.01 -7.25 8.73
C ARG A 37 7.25 -6.40 9.01
N GLU A 38 7.40 -5.33 8.24
CA GLU A 38 8.55 -4.44 8.41
C GLU A 38 8.22 -3.29 9.36
N LYS A 39 7.58 -3.63 10.48
CA LYS A 39 7.20 -2.64 11.47
C LYS A 39 8.22 -2.59 12.61
N SER A 40 8.40 -1.41 13.19
CA SER A 40 9.34 -1.23 14.29
C SER A 40 8.67 -0.52 15.47
N SER A 41 9.31 -0.61 16.63
CA SER A 41 8.78 0.03 17.83
C SER A 41 7.40 -0.52 18.18
N GLY A 42 7.29 -1.85 18.16
CA GLY A 42 6.02 -2.49 18.48
C GLY A 42 6.18 -3.73 19.32
N PRO A 43 5.07 -4.25 19.83
CA PRO A 43 5.06 -5.46 20.67
C PRO A 43 5.42 -6.72 19.88
N SER A 44 5.77 -6.53 18.61
CA SER A 44 6.13 -7.65 17.75
C SER A 44 7.44 -7.39 17.02
N SER A 45 8.46 -8.19 17.33
CA SER A 45 9.77 -8.03 16.71
C SER A 45 10.09 -9.21 15.81
N GLY A 46 9.08 -9.66 15.05
CA GLY A 46 9.27 -10.79 14.15
C GLY A 46 9.03 -10.42 12.70
N GLY A 1 9.25 20.07 -7.12
CA GLY A 1 8.26 19.01 -7.17
C GLY A 1 8.39 18.17 -8.41
N SER A 2 7.47 17.22 -8.58
CA SER A 2 7.48 16.33 -9.74
C SER A 2 6.08 15.83 -10.06
N SER A 3 5.78 15.72 -11.35
CA SER A 3 4.47 15.25 -11.79
C SER A 3 4.54 13.81 -12.27
N GLY A 4 5.39 13.55 -13.26
CA GLY A 4 5.53 12.21 -13.79
C GLY A 4 4.22 11.44 -13.79
N SER A 5 3.14 12.12 -14.14
CA SER A 5 1.82 11.50 -14.18
C SER A 5 1.70 10.55 -15.37
N SER A 6 2.22 9.35 -15.22
CA SER A 6 2.18 8.36 -16.29
C SER A 6 1.15 7.27 -15.98
N GLY A 7 0.00 7.69 -15.48
CA GLY A 7 -1.06 6.74 -15.14
C GLY A 7 -2.05 6.56 -16.27
N SER A 8 -2.22 5.33 -16.72
CA SER A 8 -3.16 5.02 -17.81
C SER A 8 -4.26 4.10 -17.33
N GLY A 9 -4.81 4.41 -16.16
CA GLY A 9 -5.88 3.59 -15.61
C GLY A 9 -6.10 3.85 -14.13
N GLU A 10 -7.35 3.72 -13.69
CA GLU A 10 -7.69 3.94 -12.29
C GLU A 10 -8.22 2.65 -11.64
N ARG A 11 -7.59 2.25 -10.55
CA ARG A 11 -7.99 1.04 -9.83
C ARG A 11 -9.08 1.35 -8.81
N PRO A 12 -9.88 0.33 -8.47
CA PRO A 12 -10.96 0.46 -7.50
C PRO A 12 -10.45 0.65 -6.08
N PHE A 13 -9.35 -0.01 -5.76
CA PHE A 13 -8.76 0.09 -4.43
C PHE A 13 -7.36 0.71 -4.50
N LYS A 14 -6.88 1.17 -3.36
CA LYS A 14 -5.55 1.78 -3.28
C LYS A 14 -4.98 1.68 -1.87
N CYS A 15 -3.65 1.74 -1.77
CA CYS A 15 -2.98 1.65 -0.48
C CYS A 15 -2.57 3.04 0.01
N ASN A 16 -2.56 3.22 1.32
CA ASN A 16 -2.17 4.50 1.92
C ASN A 16 -0.72 4.48 2.36
N GLU A 17 -0.22 3.30 2.70
CA GLU A 17 1.17 3.15 3.13
C GLU A 17 2.13 3.72 2.10
N CYS A 18 2.06 3.20 0.88
CA CYS A 18 2.92 3.67 -0.21
C CYS A 18 2.09 4.28 -1.33
N GLY A 19 0.98 3.63 -1.67
CA GLY A 19 0.13 4.13 -2.73
C GLY A 19 -0.11 3.11 -3.82
N LYS A 20 0.00 1.83 -3.46
CA LYS A 20 -0.20 0.75 -4.42
C LYS A 20 -1.67 0.65 -4.83
N GLY A 21 -1.91 0.02 -5.97
CA GLY A 21 -3.27 -0.13 -6.47
C GLY A 21 -3.58 -1.56 -6.87
N PHE A 22 -4.83 -1.98 -6.63
CA PHE A 22 -5.25 -3.33 -6.97
C PHE A 22 -6.70 -3.34 -7.44
N GLY A 23 -7.08 -4.40 -8.15
CA GLY A 23 -8.44 -4.51 -8.65
C GLY A 23 -9.36 -5.19 -7.66
N ARG A 24 -8.86 -6.23 -6.99
CA ARG A 24 -9.65 -6.95 -6.01
C ARG A 24 -9.33 -6.49 -4.59
N ARG A 25 -10.32 -6.57 -3.72
CA ARG A 25 -10.14 -6.14 -2.33
C ARG A 25 -9.08 -6.99 -1.64
N SER A 26 -9.24 -8.31 -1.70
CA SER A 26 -8.30 -9.23 -1.08
C SER A 26 -6.91 -9.08 -1.69
N HIS A 27 -6.87 -8.71 -2.97
CA HIS A 27 -5.61 -8.53 -3.68
C HIS A 27 -4.77 -7.44 -3.02
N LEU A 28 -5.43 -6.38 -2.57
CA LEU A 28 -4.74 -5.27 -1.92
C LEU A 28 -4.46 -5.59 -0.45
N ALA A 29 -5.50 -6.01 0.26
CA ALA A 29 -5.36 -6.35 1.67
C ALA A 29 -4.01 -7.01 1.96
N GLY A 30 -3.61 -7.91 1.08
CA GLY A 30 -2.34 -8.60 1.25
C GLY A 30 -1.15 -7.68 1.06
N HIS A 31 -1.27 -6.75 0.12
CA HIS A 31 -0.20 -5.80 -0.16
C HIS A 31 0.18 -5.04 1.09
N LEU A 32 -0.71 -5.03 2.08
CA LEU A 32 -0.47 -4.33 3.33
C LEU A 32 0.16 -5.27 4.37
N ARG A 33 -0.13 -6.56 4.24
CA ARG A 33 0.40 -7.54 5.16
C ARG A 33 1.92 -7.42 5.28
N LEU A 34 2.57 -7.09 4.17
CA LEU A 34 4.02 -6.93 4.15
C LEU A 34 4.44 -5.64 4.84
N HIS A 35 3.61 -4.61 4.72
CA HIS A 35 3.90 -3.32 5.33
C HIS A 35 4.06 -3.46 6.84
N SER A 36 3.27 -4.36 7.43
CA SER A 36 3.31 -4.59 8.87
C SER A 36 3.99 -5.92 9.19
N ARG A 37 5.09 -6.20 8.48
CA ARG A 37 5.83 -7.44 8.70
C ARG A 37 7.00 -7.23 9.66
N GLU A 38 7.68 -6.10 9.51
CA GLU A 38 8.82 -5.78 10.37
C GLU A 38 8.35 -5.43 11.77
N LYS A 39 7.36 -4.55 11.86
CA LYS A 39 6.82 -4.14 13.16
C LYS A 39 6.66 -5.34 14.09
N SER A 40 7.17 -5.20 15.32
CA SER A 40 7.09 -6.27 16.30
C SER A 40 8.04 -7.40 15.95
N SER A 41 9.25 -7.04 15.52
CA SER A 41 10.26 -8.03 15.15
C SER A 41 11.57 -7.77 15.90
N GLY A 42 12.01 -6.51 15.89
CA GLY A 42 13.24 -6.16 16.56
C GLY A 42 14.27 -5.56 15.61
N PRO A 43 15.53 -5.55 16.05
CA PRO A 43 16.65 -5.02 15.24
C PRO A 43 16.96 -5.89 14.03
N SER A 44 17.62 -5.30 13.05
CA SER A 44 17.99 -6.02 11.84
C SER A 44 19.04 -7.09 12.13
N SER A 45 20.16 -6.66 12.69
CA SER A 45 21.25 -7.57 13.01
C SER A 45 20.80 -8.59 14.05
N GLY A 46 20.40 -8.11 15.22
CA GLY A 46 19.95 -8.99 16.28
C GLY A 46 19.76 -8.26 17.60
N GLY A 1 12.57 9.49 2.81
CA GLY A 1 12.68 10.73 2.09
C GLY A 1 11.60 10.90 1.03
N SER A 2 11.43 9.88 0.20
CA SER A 2 10.43 9.91 -0.86
C SER A 2 9.06 10.32 -0.30
N SER A 3 8.23 10.90 -1.15
CA SER A 3 6.90 11.34 -0.76
C SER A 3 5.86 10.28 -1.06
N GLY A 4 5.78 9.88 -2.33
CA GLY A 4 4.82 8.86 -2.74
C GLY A 4 4.58 8.87 -4.23
N SER A 5 3.38 8.47 -4.63
CA SER A 5 3.02 8.43 -6.04
C SER A 5 1.94 9.45 -6.37
N SER A 6 2.05 10.06 -7.54
CA SER A 6 1.09 11.08 -7.97
C SER A 6 -0.33 10.62 -7.70
N GLY A 7 -1.29 11.53 -7.86
CA GLY A 7 -2.69 11.19 -7.63
C GLY A 7 -3.29 10.44 -8.79
N SER A 8 -2.65 9.35 -9.19
CA SER A 8 -3.13 8.53 -10.31
C SER A 8 -3.57 7.16 -9.83
N GLY A 9 -4.78 7.08 -9.31
CA GLY A 9 -5.30 5.81 -8.82
C GLY A 9 -6.65 5.47 -9.41
N GLU A 10 -6.65 5.04 -10.67
CA GLU A 10 -7.88 4.67 -11.36
C GLU A 10 -8.48 3.39 -10.78
N ARG A 11 -7.60 2.47 -10.38
CA ARG A 11 -8.03 1.20 -9.81
C ARG A 11 -9.14 1.42 -8.79
N PRO A 12 -9.89 0.34 -8.49
CA PRO A 12 -11.00 0.38 -7.53
C PRO A 12 -10.51 0.56 -6.10
N PHE A 13 -9.34 0.00 -5.80
CA PHE A 13 -8.77 0.10 -4.46
C PHE A 13 -7.40 0.76 -4.51
N LYS A 14 -6.94 1.24 -3.36
CA LYS A 14 -5.64 1.89 -3.26
C LYS A 14 -5.03 1.71 -1.87
N CYS A 15 -3.71 1.73 -1.80
CA CYS A 15 -3.01 1.56 -0.52
C CYS A 15 -2.71 2.92 0.10
N ASN A 16 -2.79 2.98 1.43
CA ASN A 16 -2.53 4.21 2.16
C ASN A 16 -1.08 4.28 2.62
N GLU A 17 -0.46 3.11 2.78
CA GLU A 17 0.92 3.04 3.22
C GLU A 17 1.85 3.72 2.22
N CYS A 18 1.81 3.24 0.98
CA CYS A 18 2.64 3.81 -0.08
C CYS A 18 1.78 4.40 -1.19
N GLY A 19 0.74 3.67 -1.59
CA GLY A 19 -0.14 4.15 -2.64
C GLY A 19 -0.40 3.10 -3.70
N LYS A 20 -0.02 1.86 -3.41
CA LYS A 20 -0.21 0.76 -4.34
C LYS A 20 -1.66 0.69 -4.82
N GLY A 21 -1.89 -0.03 -5.91
CA GLY A 21 -3.23 -0.15 -6.45
C GLY A 21 -3.56 -1.58 -6.84
N PHE A 22 -4.84 -1.94 -6.73
CA PHE A 22 -5.28 -3.29 -7.08
C PHE A 22 -6.73 -3.27 -7.54
N GLY A 23 -7.14 -4.36 -8.20
CA GLY A 23 -8.50 -4.45 -8.70
C GLY A 23 -9.46 -5.02 -7.68
N ARG A 24 -9.01 -6.04 -6.95
CA ARG A 24 -9.83 -6.68 -5.94
C ARG A 24 -9.34 -6.32 -4.53
N ARG A 25 -10.26 -6.35 -3.57
CA ARG A 25 -9.92 -6.02 -2.18
C ARG A 25 -8.86 -6.97 -1.65
N SER A 26 -9.22 -8.25 -1.53
CA SER A 26 -8.30 -9.26 -1.02
C SER A 26 -6.93 -9.15 -1.70
N HIS A 27 -6.94 -8.71 -2.94
CA HIS A 27 -5.70 -8.54 -3.71
C HIS A 27 -4.83 -7.46 -3.09
N LEU A 28 -5.46 -6.40 -2.59
CA LEU A 28 -4.74 -5.29 -1.98
C LEU A 28 -4.46 -5.58 -0.51
N ALA A 29 -5.46 -6.08 0.19
CA ALA A 29 -5.33 -6.40 1.61
C ALA A 29 -3.99 -7.07 1.89
N GLY A 30 -3.61 -8.01 1.02
CA GLY A 30 -2.36 -8.71 1.19
C GLY A 30 -1.14 -7.81 1.02
N HIS A 31 -1.27 -6.82 0.13
CA HIS A 31 -0.18 -5.89 -0.12
C HIS A 31 0.17 -5.10 1.14
N LEU A 32 -0.76 -5.08 2.10
CA LEU A 32 -0.55 -4.36 3.35
C LEU A 32 0.03 -5.29 4.42
N ARG A 33 -0.10 -6.59 4.20
CA ARG A 33 0.40 -7.58 5.14
C ARG A 33 1.92 -7.48 5.27
N LEU A 34 2.57 -7.04 4.19
CA LEU A 34 4.02 -6.91 4.19
C LEU A 34 4.44 -5.60 4.84
N HIS A 35 3.57 -4.61 4.78
CA HIS A 35 3.85 -3.29 5.37
C HIS A 35 3.99 -3.41 6.88
N SER A 36 3.21 -4.31 7.48
CA SER A 36 3.24 -4.51 8.92
C SER A 36 4.20 -5.63 9.29
N ARG A 37 5.32 -5.71 8.57
CA ARG A 37 6.31 -6.74 8.83
C ARG A 37 7.34 -6.26 9.85
N GLU A 38 7.76 -5.00 9.73
CA GLU A 38 8.73 -4.42 10.64
C GLU A 38 8.05 -3.55 11.69
N LYS A 39 7.01 -2.85 11.27
CA LYS A 39 6.26 -1.97 12.18
C LYS A 39 6.22 -2.57 13.59
N SER A 40 6.13 -1.69 14.59
CA SER A 40 6.09 -2.13 15.97
C SER A 40 4.67 -2.50 16.38
N SER A 41 4.54 -3.50 17.24
CA SER A 41 3.23 -3.95 17.71
C SER A 41 3.36 -4.75 19.00
N GLY A 42 2.93 -4.14 20.11
CA GLY A 42 3.00 -4.80 21.39
C GLY A 42 4.40 -4.78 21.98
N PRO A 43 4.72 -5.78 22.81
CA PRO A 43 6.04 -5.89 23.45
C PRO A 43 7.14 -6.21 22.46
N SER A 44 7.99 -5.22 22.17
CA SER A 44 9.08 -5.40 21.23
C SER A 44 10.41 -5.53 21.97
N SER A 45 10.41 -5.17 23.24
CA SER A 45 11.62 -5.24 24.06
C SER A 45 12.85 -4.85 23.26
N GLY A 46 12.75 -3.74 22.54
CA GLY A 46 13.87 -3.27 21.73
C GLY A 46 14.70 -2.24 22.44
#